data_5KKS
#
_entry.id   5KKS
#
_cell.length_a   182.340
_cell.length_b   182.340
_cell.length_c   90.620
_cell.angle_alpha   90.000
_cell.angle_beta   90.000
_cell.angle_gamma   120.000
#
_symmetry.space_group_name_H-M   'P 31 2 1'
#
loop_
_entity.id
_entity.type
_entity.pdbx_description
1 polymer 'Rho-associated protein kinase 1'
2 non-polymer 2-[3-(methylsulfonylamino)phenyl]-~{N}-[4-(1~{H}-pyrrolo[2,3-b]pyridin-3-yl)-1,3-thiazol-2-yl]ethanamide
3 water water
#
_entity_poly.entity_id   1
_entity_poly.type   'polypeptide(L)'
_entity_poly.pdbx_seq_one_letter_code
;GSLHMSFETRFEKMDNLLRDPKSEVNSDCLLDGLDALVYDLDFPALRKNKNIDNFLSRYKDTINKIRDLRMKAEDYEVVK
VIGRGAFGEVQLVRHKSTRKVYAMKLLSKFEMIKRSDSAFFWEERDIMAFANSPWVVQLFYAFQDDRYLYMVMEYMPGGD
LVNLMSNYDVPEKWARFYTAEVVLALDAIHSMGFIHRDVKPDNMLLDKSGHLKLADFGTCMKMNKEGMVRCDTAVGTPDY
ISPEVLKSQGGDGYYGRECDWWSVGVFLYEMLVGDTPFYADSLVGTYSKIMNHKNSLTFPDDNDISKEAKNLICAFLTDR
EVRLGRNGVEEIKRHLFFKNDQWAWETLRDTVAPVVPDLSSDIDTSNFDDLEEDKGEEETFPIPKAFVGNQLPFVGFTYY
SNRRYLSSANPNDNR
;
_entity_poly.pdbx_strand_id   A,B
#
loop_
_chem_comp.id
_chem_comp.type
_chem_comp.name
_chem_comp.formula
6U1 non-polymer 2-[3-(methylsulfonylamino)phenyl]-~{N}-[4-(1~{H}-pyrrolo[2,3-b]pyridin-3-yl)-1,3-thiazol-2-yl]ethanamide 'C19 H17 N5 O3 S2'
#
# COMPACT_ATOMS: atom_id res chain seq x y z
N SER A 6 -15.82 -14.32 -13.40
CA SER A 6 -14.90 -15.08 -14.25
C SER A 6 -13.47 -14.65 -14.01
N PHE A 7 -12.49 -15.58 -14.22
CA PHE A 7 -11.05 -15.32 -14.08
C PHE A 7 -10.58 -14.40 -15.22
N GLU A 8 -9.40 -13.73 -15.02
CA GLU A 8 -8.81 -12.73 -15.92
C GLU A 8 -9.61 -11.44 -15.81
N THR A 9 -10.97 -11.49 -15.92
CA THR A 9 -11.87 -10.36 -15.69
C THR A 9 -11.63 -9.89 -14.25
N ARG A 10 -11.46 -10.86 -13.30
CA ARG A 10 -11.16 -10.65 -11.88
C ARG A 10 -9.80 -9.97 -11.68
N PHE A 11 -8.81 -10.31 -12.52
CA PHE A 11 -7.45 -9.78 -12.52
C PHE A 11 -7.44 -8.34 -13.03
N GLU A 12 -8.07 -8.11 -14.21
CA GLU A 12 -8.23 -6.83 -14.90
C GLU A 12 -8.99 -5.86 -14.01
N LYS A 13 -10.13 -6.32 -13.43
CA LYS A 13 -10.96 -5.51 -12.51
C LYS A 13 -10.14 -4.98 -11.35
N MET A 14 -9.29 -5.85 -10.79
CA MET A 14 -8.40 -5.57 -9.68
C MET A 14 -7.23 -4.66 -10.13
N ASP A 15 -6.67 -4.90 -11.32
CA ASP A 15 -5.58 -4.10 -11.89
C ASP A 15 -6.02 -2.66 -12.13
N ASN A 16 -7.24 -2.46 -12.69
CA ASN A 16 -7.82 -1.14 -12.96
C ASN A 16 -8.19 -0.40 -11.69
N LEU A 17 -8.39 -1.13 -10.60
CA LEU A 17 -8.72 -0.59 -9.28
C LEU A 17 -7.48 0.04 -8.62
N LEU A 18 -6.28 -0.36 -9.08
CA LEU A 18 -5.00 0.13 -8.57
C LEU A 18 -4.51 1.32 -9.37
N ARG A 19 -5.12 1.56 -10.53
CA ARG A 19 -4.73 2.63 -11.47
C ARG A 19 -5.60 3.87 -11.41
N ASP A 20 -6.90 3.67 -11.10
CA ASP A 20 -7.94 4.69 -11.04
C ASP A 20 -7.55 5.82 -10.05
N PRO A 21 -7.49 7.12 -10.45
CA PRO A 21 -7.12 8.16 -9.48
C PRO A 21 -8.26 8.48 -8.50
N LYS A 22 -9.44 7.87 -8.74
CA LYS A 22 -10.62 8.02 -7.92
C LYS A 22 -10.87 6.80 -7.01
N SER A 23 -10.15 5.69 -7.23
CA SER A 23 -10.28 4.47 -6.42
C SER A 23 -9.74 4.64 -5.02
N GLU A 24 -10.38 3.97 -4.05
CA GLU A 24 -9.99 3.98 -2.63
C GLU A 24 -8.72 3.16 -2.39
N VAL A 25 -8.38 2.25 -3.33
CA VAL A 25 -7.23 1.35 -3.28
C VAL A 25 -6.23 1.52 -4.42
N ASN A 26 -6.05 2.76 -4.94
CA ASN A 26 -5.01 2.96 -5.95
C ASN A 26 -3.65 3.03 -5.22
N SER A 27 -2.53 2.97 -5.97
CA SER A 27 -1.16 3.03 -5.42
C SER A 27 -0.95 4.14 -4.37
N ASP A 28 -1.53 5.34 -4.57
CA ASP A 28 -1.43 6.48 -3.65
C ASP A 28 -2.00 6.15 -2.29
N CYS A 29 -3.20 5.59 -2.29
CA CYS A 29 -3.88 5.25 -1.05
C CYS A 29 -3.19 4.08 -0.42
N LEU A 30 -2.85 3.04 -1.23
CA LEU A 30 -2.18 1.85 -0.72
C LEU A 30 -0.84 2.20 -0.03
N LEU A 31 -0.02 3.08 -0.68
CA LEU A 31 1.28 3.53 -0.15
C LEU A 31 1.08 4.33 1.14
N ASP A 32 0.00 5.14 1.20
CA ASP A 32 -0.39 5.97 2.35
C ASP A 32 -0.72 5.09 3.56
N GLY A 33 -1.45 4.00 3.29
CA GLY A 33 -1.86 3.02 4.29
C GLY A 33 -0.68 2.40 5.01
N LEU A 34 0.38 2.02 4.26
CA LEU A 34 1.59 1.41 4.85
C LEU A 34 2.38 2.47 5.63
N ASP A 35 2.53 3.66 5.02
CA ASP A 35 3.22 4.80 5.63
C ASP A 35 2.58 5.18 7.00
N ALA A 36 1.22 5.07 7.10
CA ALA A 36 0.44 5.33 8.30
C ALA A 36 0.70 4.24 9.34
N LEU A 37 0.70 2.95 8.90
CA LEU A 37 0.92 1.81 9.77
C LEU A 37 2.26 1.94 10.46
N VAL A 38 3.31 2.35 9.73
CA VAL A 38 4.66 2.54 10.28
C VAL A 38 4.72 3.74 11.24
N TYR A 39 4.26 4.91 10.82
CA TYR A 39 4.27 6.11 11.66
C TYR A 39 3.59 5.83 13.02
N ASP A 40 2.39 5.19 12.96
CA ASP A 40 1.48 4.90 14.07
C ASP A 40 1.92 3.81 15.00
N LEU A 41 2.67 2.82 14.52
CA LEU A 41 3.14 1.75 15.36
C LEU A 41 4.48 2.09 16.00
N ASP A 42 5.30 2.93 15.33
CA ASP A 42 6.65 3.26 15.81
C ASP A 42 6.67 4.13 17.05
N PHE A 43 6.56 3.49 18.22
CA PHE A 43 6.59 4.06 19.55
C PHE A 43 7.16 3.01 20.44
N PRO A 44 7.96 3.40 21.46
CA PRO A 44 8.59 2.39 22.32
C PRO A 44 7.61 1.46 23.05
N ALA A 45 6.44 2.02 23.44
CA ALA A 45 5.36 1.34 24.16
C ALA A 45 4.75 0.20 23.34
N LEU A 46 4.43 0.47 22.07
CA LEU A 46 3.81 -0.45 21.14
C LEU A 46 4.80 -1.52 20.67
N ARG A 47 6.07 -1.12 20.45
CA ARG A 47 7.17 -1.99 20.02
C ARG A 47 7.48 -3.11 21.02
N LYS A 48 6.94 -3.04 22.26
CA LYS A 48 7.10 -4.07 23.29
C LYS A 48 6.39 -5.38 22.83
N ASN A 49 5.43 -5.22 21.87
CA ASN A 49 4.64 -6.26 21.18
C ASN A 49 5.54 -6.77 20.04
N LYS A 50 5.88 -8.09 20.02
CA LYS A 50 6.76 -8.66 19.00
C LYS A 50 6.19 -8.58 17.59
N ASN A 51 4.86 -8.79 17.42
CA ASN A 51 4.19 -8.69 16.11
C ASN A 51 4.49 -7.31 15.54
N ILE A 52 4.30 -6.25 16.35
CA ILE A 52 4.58 -4.87 16.00
C ILE A 52 6.07 -4.64 15.77
N ASP A 53 6.92 -4.92 16.77
CA ASP A 53 8.37 -4.72 16.68
C ASP A 53 9.02 -5.39 15.48
N ASN A 54 8.74 -6.69 15.27
CA ASN A 54 9.31 -7.43 14.16
C ASN A 54 8.82 -6.90 12.83
N PHE A 55 7.54 -6.50 12.75
CA PHE A 55 6.99 -5.96 11.53
C PHE A 55 7.76 -4.72 11.14
N LEU A 56 7.92 -3.80 12.09
CA LEU A 56 8.63 -2.53 11.91
C LEU A 56 10.06 -2.75 11.51
N SER A 57 10.78 -3.65 12.24
CA SER A 57 12.17 -4.00 11.98
C SER A 57 12.34 -4.46 10.54
N ARG A 58 11.44 -5.34 10.07
CA ARG A 58 11.40 -5.89 8.72
C ARG A 58 11.19 -4.79 7.65
N TYR A 59 10.26 -3.88 7.90
CA TYR A 59 9.92 -2.88 6.91
C TYR A 59 10.67 -1.56 7.06
N LYS A 60 11.69 -1.48 7.97
CA LYS A 60 12.47 -0.25 8.24
C LYS A 60 13.18 0.29 7.00
N ASP A 61 14.10 -0.52 6.43
CA ASP A 61 14.89 -0.20 5.23
C ASP A 61 13.98 0.30 4.09
N THR A 62 12.92 -0.49 3.80
CA THR A 62 11.90 -0.27 2.77
C THR A 62 11.13 1.02 3.00
N ILE A 63 10.45 1.16 4.18
CA ILE A 63 9.63 2.35 4.49
C ILE A 63 10.44 3.63 4.31
N ASN A 64 11.73 3.60 4.65
CA ASN A 64 12.59 4.75 4.52
C ASN A 64 12.86 5.07 3.06
N LYS A 65 13.11 4.03 2.22
CA LYS A 65 13.33 4.20 0.76
C LYS A 65 12.12 4.90 0.15
N ILE A 66 10.89 4.37 0.46
CA ILE A 66 9.59 4.88 0.04
C ILE A 66 9.46 6.37 0.41
N ARG A 67 9.70 6.68 1.70
CA ARG A 67 9.66 8.02 2.27
C ARG A 67 10.56 8.99 1.52
N ASP A 68 11.76 8.56 1.11
CA ASP A 68 12.70 9.37 0.35
C ASP A 68 12.23 9.62 -1.11
N LEU A 69 11.74 8.56 -1.82
CA LEU A 69 11.29 8.65 -3.21
C LEU A 69 10.00 9.46 -3.32
N ARG A 70 8.96 9.06 -2.56
CA ARG A 70 7.64 9.71 -2.54
C ARG A 70 7.76 11.19 -2.23
N MET A 71 6.83 12.01 -2.72
CA MET A 71 6.92 13.44 -2.48
C MET A 71 6.94 13.74 -1.00
N LYS A 72 7.80 14.69 -0.61
CA LYS A 72 8.00 15.11 0.78
C LYS A 72 8.10 16.65 0.88
N ALA A 73 7.87 17.20 2.07
CA ALA A 73 7.90 18.66 2.30
C ALA A 73 9.26 19.30 2.10
N GLU A 74 10.33 18.50 2.23
CA GLU A 74 11.73 18.94 2.10
C GLU A 74 12.14 19.17 0.65
N ASP A 75 11.28 18.71 -0.30
CA ASP A 75 11.47 18.87 -1.76
C ASP A 75 11.18 20.29 -2.18
N TYR A 76 10.47 21.05 -1.35
CA TYR A 76 10.12 22.41 -1.67
C TYR A 76 10.88 23.41 -0.84
N GLU A 77 11.37 24.48 -1.49
CA GLU A 77 12.09 25.62 -0.88
C GLU A 77 11.05 26.76 -0.66
N VAL A 78 10.69 27.05 0.61
CA VAL A 78 9.66 28.04 0.96
C VAL A 78 10.20 29.46 0.73
N VAL A 79 9.39 30.30 0.03
CA VAL A 79 9.74 31.65 -0.37
C VAL A 79 9.07 32.67 0.54
N LYS A 80 7.79 32.45 0.90
CA LYS A 80 7.04 33.39 1.75
C LYS A 80 5.76 32.77 2.29
N VAL A 81 5.40 33.05 3.58
CA VAL A 81 4.13 32.56 4.12
C VAL A 81 3.13 33.62 3.68
N ILE A 82 2.47 33.36 2.56
CA ILE A 82 1.57 34.32 1.95
C ILE A 82 0.13 34.21 2.46
N GLY A 83 -0.09 33.44 3.50
CA GLY A 83 -1.43 33.25 4.05
C GLY A 83 -1.42 32.41 5.31
N ARG A 84 -2.45 32.60 6.15
CA ARG A 84 -2.58 31.86 7.39
C ARG A 84 -4.07 31.61 7.68
N GLY A 85 -4.32 30.68 8.60
CA GLY A 85 -5.64 30.25 9.04
C GLY A 85 -5.55 29.51 10.35
N ALA A 86 -6.70 29.04 10.87
CA ALA A 86 -6.78 28.36 12.17
C ALA A 86 -5.93 27.10 12.24
N PHE A 87 -6.04 26.24 11.19
CA PHE A 87 -5.41 24.94 11.08
C PHE A 87 -4.19 24.95 10.27
N GLY A 88 -4.13 25.78 9.25
CA GLY A 88 -2.93 25.79 8.44
C GLY A 88 -2.41 27.14 8.02
N GLU A 89 -1.62 27.13 6.95
CA GLU A 89 -1.01 28.29 6.32
C GLU A 89 -0.72 27.96 4.85
N VAL A 90 -0.79 28.97 4.00
CA VAL A 90 -0.48 28.85 2.58
C VAL A 90 0.92 29.41 2.43
N GLN A 91 1.74 28.87 1.55
CA GLN A 91 3.07 29.43 1.37
C GLN A 91 3.56 29.37 -0.07
N LEU A 92 4.15 30.47 -0.57
CA LEU A 92 4.72 30.47 -1.92
C LEU A 92 5.99 29.62 -1.81
N VAL A 93 6.07 28.56 -2.61
CA VAL A 93 7.20 27.62 -2.58
C VAL A 93 7.75 27.33 -3.99
N ARG A 94 8.99 26.87 -4.05
CA ARG A 94 9.61 26.45 -5.29
C ARG A 94 10.09 25.01 -5.18
N HIS A 95 9.79 24.19 -6.19
CA HIS A 95 10.24 22.81 -6.21
C HIS A 95 11.73 22.84 -6.51
N LYS A 96 12.54 22.38 -5.55
CA LYS A 96 14.00 22.38 -5.61
C LYS A 96 14.52 21.70 -6.89
N SER A 97 13.94 20.54 -7.29
CA SER A 97 14.34 19.78 -8.49
C SER A 97 13.85 20.38 -9.82
N THR A 98 12.51 20.47 -10.00
CA THR A 98 11.86 20.97 -11.22
C THR A 98 12.02 22.47 -11.42
N ARG A 99 12.35 23.22 -10.34
CA ARG A 99 12.51 24.69 -10.32
C ARG A 99 11.17 25.43 -10.36
N LYS A 100 10.06 24.67 -10.56
CA LYS A 100 8.68 25.16 -10.68
C LYS A 100 8.16 25.84 -9.41
N VAL A 101 7.44 26.98 -9.58
CA VAL A 101 6.91 27.80 -8.49
C VAL A 101 5.40 27.53 -8.24
N TYR A 102 5.06 27.21 -6.99
CA TYR A 102 3.69 26.85 -6.60
C TYR A 102 3.23 27.54 -5.32
N ALA A 103 1.92 27.39 -4.99
CA ALA A 103 1.33 27.82 -3.73
C ALA A 103 0.96 26.53 -3.01
N MET A 104 1.43 26.38 -1.74
CA MET A 104 1.24 25.15 -0.96
C MET A 104 0.45 25.37 0.31
N LYS A 105 -0.77 24.79 0.39
CA LYS A 105 -1.63 24.86 1.58
C LYS A 105 -1.31 23.69 2.52
N LEU A 106 -0.87 24.04 3.75
CA LEU A 106 -0.51 23.11 4.82
C LEU A 106 -1.67 23.01 5.80
N LEU A 107 -1.93 21.81 6.30
CA LEU A 107 -3.01 21.62 7.26
C LEU A 107 -2.53 20.74 8.39
N SER A 108 -2.44 21.28 9.61
CA SER A 108 -2.00 20.53 10.78
C SER A 108 -2.96 19.36 11.05
N LYS A 109 -2.43 18.09 10.93
CA LYS A 109 -3.14 16.83 11.17
C LYS A 109 -3.51 16.80 12.63
N PHE A 110 -2.71 17.49 13.47
CA PHE A 110 -2.99 17.57 14.88
C PHE A 110 -4.23 18.43 15.19
N GLU A 111 -4.26 19.66 14.63
CA GLU A 111 -5.35 20.61 14.84
C GLU A 111 -6.68 20.08 14.35
N MET A 112 -6.65 19.41 13.20
CA MET A 112 -7.82 18.78 12.58
C MET A 112 -8.43 17.74 13.51
N ILE A 113 -7.62 16.75 13.96
CA ILE A 113 -8.05 15.67 14.85
C ILE A 113 -8.60 16.25 16.15
N LYS A 114 -7.94 17.30 16.71
CA LYS A 114 -8.43 17.99 17.91
C LYS A 114 -9.65 18.91 17.53
N ARG A 115 -10.84 18.27 17.33
CA ARG A 115 -12.16 18.82 16.95
C ARG A 115 -12.13 19.65 15.63
N SER A 116 -12.50 18.96 14.51
CA SER A 116 -12.59 19.46 13.12
C SER A 116 -14.04 19.61 12.65
N ASP A 117 -14.93 18.68 13.09
CA ASP A 117 -16.36 18.51 12.73
C ASP A 117 -16.63 18.79 11.23
N SER A 118 -15.72 18.35 10.34
CA SER A 118 -15.89 18.61 8.92
C SER A 118 -15.38 17.54 7.96
N ALA A 119 -14.03 17.28 7.91
CA ALA A 119 -13.34 16.39 6.93
C ALA A 119 -13.48 17.04 5.52
N PHE A 120 -13.38 18.38 5.54
CA PHE A 120 -13.54 19.34 4.46
C PHE A 120 -12.48 19.19 3.41
N PHE A 121 -11.27 18.84 3.85
CA PHE A 121 -10.07 18.70 3.05
C PHE A 121 -10.22 17.72 1.93
N TRP A 122 -11.21 16.82 2.01
CA TRP A 122 -11.50 15.81 1.01
C TRP A 122 -12.16 16.43 -0.19
N GLU A 123 -13.21 17.28 -0.01
CA GLU A 123 -13.85 17.90 -1.18
C GLU A 123 -12.99 19.02 -1.73
N GLU A 124 -12.22 19.75 -0.84
CA GLU A 124 -11.26 20.76 -1.29
C GLU A 124 -10.22 20.15 -2.22
N ARG A 125 -9.84 18.88 -1.96
CA ARG A 125 -8.91 18.10 -2.77
C ARG A 125 -9.53 17.74 -4.11
N ASP A 126 -10.75 17.16 -4.11
CA ASP A 126 -11.41 16.72 -5.34
C ASP A 126 -11.75 17.86 -6.29
N ILE A 127 -12.33 18.98 -5.75
CA ILE A 127 -12.71 20.12 -6.58
C ILE A 127 -11.50 20.66 -7.32
N MET A 128 -10.38 20.94 -6.61
CA MET A 128 -9.15 21.48 -7.21
C MET A 128 -8.43 20.51 -8.14
N ALA A 129 -8.47 19.19 -7.82
CA ALA A 129 -7.79 18.16 -8.61
C ALA A 129 -8.50 17.79 -9.90
N PHE A 130 -9.84 17.63 -9.86
CA PHE A 130 -10.64 17.16 -11.00
C PHE A 130 -11.53 18.21 -11.73
N ALA A 131 -11.74 19.42 -11.13
CA ALA A 131 -12.56 20.53 -11.68
C ALA A 131 -12.37 20.77 -13.14
N ASN A 132 -11.12 21.01 -13.53
CA ASN A 132 -10.71 21.30 -14.91
C ASN A 132 -11.44 22.51 -15.50
N SER A 133 -11.44 23.63 -14.75
CA SER A 133 -12.04 24.89 -15.16
C SER A 133 -11.00 25.97 -14.97
N PRO A 134 -11.00 26.99 -15.87
CA PRO A 134 -10.06 28.10 -15.69
C PRO A 134 -10.55 29.03 -14.57
N TRP A 135 -11.61 28.61 -13.86
CA TRP A 135 -12.25 29.37 -12.81
C TRP A 135 -11.94 28.82 -11.46
N VAL A 136 -11.26 27.65 -11.42
CA VAL A 136 -10.87 26.96 -10.18
C VAL A 136 -9.35 26.77 -10.14
N VAL A 137 -8.72 27.15 -8.99
CA VAL A 137 -7.28 26.94 -8.72
C VAL A 137 -7.00 25.44 -8.82
N GLN A 138 -5.96 25.06 -9.56
CA GLN A 138 -5.64 23.66 -9.78
C GLN A 138 -4.64 23.01 -8.80
N LEU A 139 -5.05 21.85 -8.25
CA LEU A 139 -4.22 21.03 -7.39
C LEU A 139 -3.33 20.19 -8.34
N PHE A 140 -2.01 20.19 -8.12
CA PHE A 140 -1.06 19.40 -8.92
C PHE A 140 -0.67 18.16 -8.16
N TYR A 141 -0.33 18.34 -6.88
CA TYR A 141 0.01 17.24 -5.99
C TYR A 141 -0.61 17.51 -4.66
N ALA A 142 -0.96 16.42 -3.96
CA ALA A 142 -1.42 16.42 -2.58
C ALA A 142 -0.60 15.33 -1.96
N PHE A 143 0.02 15.59 -0.79
CA PHE A 143 0.83 14.60 -0.06
C PHE A 143 0.74 14.88 1.42
N GLN A 144 1.23 13.97 2.26
CA GLN A 144 1.17 14.12 3.73
C GLN A 144 2.48 13.72 4.41
N ASP A 145 2.44 13.73 5.75
CA ASP A 145 3.45 13.26 6.70
C ASP A 145 2.80 13.20 8.08
N ASP A 146 3.45 12.57 9.07
CA ASP A 146 2.93 12.43 10.43
C ASP A 146 2.33 13.72 11.04
N ARG A 147 2.81 14.90 10.61
CA ARG A 147 2.39 16.20 11.13
C ARG A 147 1.36 16.97 10.27
N TYR A 148 1.52 17.05 8.93
CA TYR A 148 0.63 17.82 8.03
C TYR A 148 0.13 17.12 6.77
N LEU A 149 -0.87 17.76 6.13
CA LEU A 149 -1.41 17.46 4.80
C LEU A 149 -0.93 18.64 3.96
N TYR A 150 -0.55 18.40 2.68
CA TYR A 150 -0.04 19.45 1.79
C TYR A 150 -0.81 19.46 0.49
N MET A 151 -1.10 20.65 -0.01
CA MET A 151 -1.74 20.79 -1.31
C MET A 151 -0.88 21.72 -2.14
N VAL A 152 -0.28 21.18 -3.24
CA VAL A 152 0.59 21.94 -4.14
C VAL A 152 -0.28 22.41 -5.29
N MET A 153 -0.59 23.71 -5.33
CA MET A 153 -1.50 24.30 -6.33
C MET A 153 -0.82 25.35 -7.22
N GLU A 154 -1.55 25.84 -8.26
CA GLU A 154 -1.01 26.90 -9.12
C GLU A 154 -0.98 28.22 -8.37
N TYR A 155 0.20 28.90 -8.38
CA TYR A 155 0.41 30.19 -7.73
C TYR A 155 -0.30 31.28 -8.51
N MET A 156 -1.15 32.05 -7.80
CA MET A 156 -1.94 33.14 -8.34
C MET A 156 -1.19 34.44 -8.02
N PRO A 157 -0.33 34.99 -8.91
CA PRO A 157 0.46 36.15 -8.50
C PRO A 157 -0.29 37.48 -8.39
N GLY A 158 -1.50 37.57 -8.97
CA GLY A 158 -2.29 38.80 -8.97
C GLY A 158 -2.90 39.25 -7.64
N GLY A 159 -2.80 38.40 -6.61
CA GLY A 159 -3.34 38.69 -5.29
C GLY A 159 -4.83 38.41 -5.22
N ASP A 160 -5.42 38.69 -4.07
CA ASP A 160 -6.86 38.50 -3.90
C ASP A 160 -7.59 39.81 -4.09
N LEU A 161 -8.91 39.73 -4.16
CA LEU A 161 -9.75 40.89 -4.36
C LEU A 161 -9.70 41.84 -3.14
N VAL A 162 -9.44 41.28 -1.94
CA VAL A 162 -9.32 42.08 -0.72
C VAL A 162 -8.24 43.15 -0.92
N ASN A 163 -7.04 42.72 -1.39
CA ASN A 163 -5.91 43.58 -1.70
C ASN A 163 -6.30 44.62 -2.74
N LEU A 164 -6.94 44.20 -3.87
CA LEU A 164 -7.34 45.12 -4.93
C LEU A 164 -8.24 46.21 -4.40
N MET A 165 -9.31 45.83 -3.66
CA MET A 165 -10.28 46.75 -3.10
C MET A 165 -9.63 47.72 -2.13
N SER A 166 -8.66 47.23 -1.36
CA SER A 166 -7.94 48.02 -0.40
C SER A 166 -7.01 49.03 -1.07
N ASN A 167 -6.62 48.84 -2.36
CA ASN A 167 -5.72 49.77 -3.06
C ASN A 167 -6.39 50.64 -4.10
N TYR A 168 -7.66 50.35 -4.45
CA TYR A 168 -8.39 51.14 -5.45
C TYR A 168 -9.80 51.45 -5.05
N ASP A 169 -10.29 52.60 -5.55
CA ASP A 169 -11.69 52.96 -5.40
C ASP A 169 -12.23 52.31 -6.68
N VAL A 170 -12.82 51.11 -6.54
CA VAL A 170 -13.28 50.34 -7.69
C VAL A 170 -14.41 51.05 -8.50
N PRO A 171 -14.13 51.39 -9.79
CA PRO A 171 -15.17 51.98 -10.63
C PRO A 171 -16.18 50.92 -11.03
N GLU A 172 -17.40 51.34 -11.42
CA GLU A 172 -18.46 50.41 -11.79
C GLU A 172 -18.07 49.43 -12.90
N LYS A 173 -17.36 49.92 -13.95
CA LYS A 173 -16.88 49.08 -15.06
C LYS A 173 -15.99 47.90 -14.58
N TRP A 174 -15.13 48.12 -13.57
CA TRP A 174 -14.28 47.08 -13.00
C TRP A 174 -15.13 46.10 -12.18
N ALA A 175 -16.09 46.64 -11.38
CA ALA A 175 -16.98 45.82 -10.54
C ALA A 175 -17.84 44.89 -11.42
N ARG A 176 -18.33 45.40 -12.58
CA ARG A 176 -19.11 44.63 -13.56
C ARG A 176 -18.29 43.45 -14.07
N PHE A 177 -16.98 43.67 -14.32
CA PHE A 177 -16.05 42.64 -14.73
C PHE A 177 -15.88 41.56 -13.63
N TYR A 178 -15.34 41.96 -12.47
CA TYR A 178 -15.03 41.05 -11.37
C TYR A 178 -16.29 40.24 -10.95
N THR A 179 -17.50 40.88 -10.87
CA THR A 179 -18.77 40.20 -10.57
C THR A 179 -19.05 39.11 -11.63
N ALA A 180 -19.08 39.49 -12.96
CA ALA A 180 -19.30 38.56 -14.07
C ALA A 180 -18.42 37.30 -13.95
N GLU A 181 -17.10 37.47 -13.72
CA GLU A 181 -16.20 36.33 -13.55
C GLU A 181 -16.59 35.49 -12.33
N VAL A 182 -17.09 36.12 -11.25
CA VAL A 182 -17.54 35.40 -10.05
C VAL A 182 -18.79 34.59 -10.41
N VAL A 183 -19.73 35.19 -11.18
CA VAL A 183 -20.98 34.55 -11.62
C VAL A 183 -20.63 33.28 -12.43
N LEU A 184 -19.59 33.39 -13.27
CA LEU A 184 -19.13 32.27 -14.10
C LEU A 184 -18.39 31.22 -13.27
N ALA A 185 -17.45 31.64 -12.44
CA ALA A 185 -16.70 30.72 -11.59
C ALA A 185 -17.62 29.97 -10.59
N LEU A 186 -18.72 30.64 -10.14
CA LEU A 186 -19.69 30.03 -9.24
C LEU A 186 -20.55 29.08 -9.99
N ASP A 187 -20.95 29.46 -11.20
CA ASP A 187 -21.77 28.57 -12.00
C ASP A 187 -21.07 27.26 -12.29
N ALA A 188 -19.73 27.30 -12.50
CA ALA A 188 -18.90 26.12 -12.77
C ALA A 188 -18.91 25.16 -11.59
N ILE A 189 -18.75 25.67 -10.35
CA ILE A 189 -18.80 24.89 -9.11
C ILE A 189 -20.18 24.23 -9.00
N HIS A 190 -21.24 25.01 -9.26
CA HIS A 190 -22.61 24.54 -9.22
C HIS A 190 -22.82 23.44 -10.24
N SER A 191 -22.23 23.60 -11.45
CA SER A 191 -22.30 22.63 -12.54
C SER A 191 -21.60 21.33 -12.15
N MET A 192 -20.64 21.39 -11.23
CA MET A 192 -19.93 20.24 -10.69
C MET A 192 -20.77 19.64 -9.55
N GLY A 193 -21.86 20.30 -9.20
CA GLY A 193 -22.78 19.86 -8.15
C GLY A 193 -22.34 20.23 -6.75
N PHE A 194 -21.69 21.40 -6.59
CA PHE A 194 -21.23 21.86 -5.27
C PHE A 194 -21.73 23.24 -4.96
N ILE A 195 -21.96 23.52 -3.65
CA ILE A 195 -22.29 24.87 -3.17
C ILE A 195 -21.05 25.34 -2.39
N HIS A 196 -20.40 26.44 -2.87
CA HIS A 196 -19.17 26.99 -2.27
C HIS A 196 -19.30 27.28 -0.75
N ARG A 197 -20.49 27.78 -0.39
CA ARG A 197 -20.92 28.08 0.96
C ARG A 197 -20.12 29.19 1.66
N ASP A 198 -18.98 29.58 1.08
CA ASP A 198 -18.18 30.67 1.61
C ASP A 198 -17.63 31.56 0.49
N VAL A 199 -18.49 32.34 -0.17
CA VAL A 199 -18.00 33.23 -1.22
C VAL A 199 -17.63 34.57 -0.56
N LYS A 200 -16.37 35.01 -0.77
CA LYS A 200 -15.88 36.28 -0.25
C LYS A 200 -14.67 36.79 -1.08
N PRO A 201 -14.29 38.09 -1.02
CA PRO A 201 -13.13 38.57 -1.78
C PRO A 201 -11.81 37.84 -1.49
N ASP A 202 -11.65 37.34 -0.26
CA ASP A 202 -10.50 36.59 0.21
C ASP A 202 -10.25 35.31 -0.60
N ASN A 203 -11.31 34.79 -1.25
CA ASN A 203 -11.29 33.56 -2.02
C ASN A 203 -11.33 33.83 -3.51
N MET A 204 -11.22 35.12 -3.93
CA MET A 204 -11.18 35.50 -5.34
C MET A 204 -9.72 35.79 -5.67
N LEU A 205 -9.09 34.96 -6.47
CA LEU A 205 -7.68 35.21 -6.77
C LEU A 205 -7.47 35.63 -8.20
N LEU A 206 -6.37 36.33 -8.48
CA LEU A 206 -6.08 36.82 -9.82
C LEU A 206 -4.84 36.17 -10.44
N ASP A 207 -4.99 35.63 -11.66
CA ASP A 207 -3.85 35.05 -12.36
C ASP A 207 -2.95 36.16 -12.94
N LYS A 208 -1.79 35.78 -13.51
CA LYS A 208 -0.83 36.72 -14.08
C LYS A 208 -1.45 37.70 -15.05
N SER A 209 -2.54 37.29 -15.74
CA SER A 209 -3.29 38.07 -16.72
C SER A 209 -4.33 39.06 -16.13
N GLY A 210 -4.67 38.88 -14.84
CA GLY A 210 -5.63 39.68 -14.09
C GLY A 210 -7.02 39.08 -14.03
N HIS A 211 -7.17 37.84 -14.46
CA HIS A 211 -8.45 37.13 -14.47
C HIS A 211 -8.66 36.30 -13.20
N LEU A 212 -9.93 36.19 -12.77
CA LEU A 212 -10.37 35.51 -11.57
C LEU A 212 -10.29 33.99 -11.61
N LYS A 213 -10.23 33.42 -10.40
CA LYS A 213 -10.31 32.01 -10.06
C LYS A 213 -10.81 31.99 -8.59
N LEU A 214 -11.68 31.02 -8.25
CA LEU A 214 -12.14 30.87 -6.90
C LEU A 214 -11.15 29.94 -6.19
N ALA A 215 -10.97 30.12 -4.90
CA ALA A 215 -10.06 29.31 -4.10
C ALA A 215 -10.68 29.08 -2.74
N ASP A 216 -10.01 28.30 -1.86
CA ASP A 216 -10.51 27.97 -0.52
C ASP A 216 -11.88 27.25 -0.58
N PHE A 217 -11.87 26.07 -1.21
CA PHE A 217 -13.07 25.25 -1.32
C PHE A 217 -13.33 24.43 -0.04
N GLY A 218 -12.75 24.87 1.08
CA GLY A 218 -12.84 24.24 2.40
C GLY A 218 -14.26 24.02 2.88
N THR A 219 -15.13 25.01 2.65
CA THR A 219 -16.55 25.01 3.05
C THR A 219 -17.51 24.29 2.07
N CYS A 220 -17.01 23.79 0.92
CA CYS A 220 -17.79 23.09 -0.11
C CYS A 220 -18.52 21.88 0.37
N MET A 221 -19.63 21.56 -0.32
CA MET A 221 -20.50 20.41 -0.05
C MET A 221 -21.30 20.10 -1.27
N LYS A 222 -21.38 18.80 -1.64
CA LYS A 222 -22.13 18.31 -2.80
C LYS A 222 -23.65 18.35 -2.57
N MET A 223 -24.40 18.84 -3.58
CA MET A 223 -25.86 18.97 -3.54
C MET A 223 -26.50 17.62 -3.69
N ASN A 224 -27.75 17.46 -3.22
CA ASN A 224 -28.47 16.20 -3.39
C ASN A 224 -29.13 16.20 -4.79
N LYS A 225 -29.86 15.11 -5.16
CA LYS A 225 -30.54 15.01 -6.46
C LYS A 225 -31.63 16.10 -6.67
N GLU A 226 -31.94 16.86 -5.59
CA GLU A 226 -32.90 17.96 -5.61
C GLU A 226 -32.13 19.30 -5.65
N GLY A 227 -30.80 19.24 -5.68
CA GLY A 227 -29.91 20.40 -5.73
C GLY A 227 -29.83 21.20 -4.44
N MET A 228 -30.01 20.51 -3.31
CA MET A 228 -30.02 21.11 -1.97
C MET A 228 -28.96 20.49 -1.04
N VAL A 229 -28.71 21.14 0.08
CA VAL A 229 -27.77 20.69 1.10
C VAL A 229 -28.50 20.71 2.46
N ARG A 230 -28.18 19.75 3.34
CA ARG A 230 -28.82 19.60 4.64
C ARG A 230 -27.83 19.70 5.79
N CYS A 231 -27.59 20.94 6.24
CA CYS A 231 -26.66 21.26 7.32
C CYS A 231 -27.39 21.65 8.59
N ASP A 232 -26.98 21.07 9.73
CA ASP A 232 -27.55 21.33 11.05
C ASP A 232 -26.87 22.53 11.75
N THR A 233 -25.74 23.00 11.19
CA THR A 233 -24.89 24.07 11.70
C THR A 233 -24.43 25.05 10.60
N ALA A 234 -24.43 26.37 10.93
CA ALA A 234 -24.01 27.44 10.00
C ALA A 234 -22.56 27.31 9.54
N VAL A 235 -22.29 27.75 8.32
CA VAL A 235 -20.96 27.72 7.68
C VAL A 235 -20.72 28.99 6.87
N GLY A 236 -19.46 29.44 6.81
CA GLY A 236 -19.08 30.61 6.01
C GLY A 236 -18.47 31.76 6.76
N THR A 237 -18.65 33.01 6.26
CA THR A 237 -18.09 34.21 6.91
C THR A 237 -19.19 35.14 7.41
N PRO A 238 -19.05 35.76 8.61
CA PRO A 238 -20.11 36.63 9.14
C PRO A 238 -20.75 37.61 8.16
N ASP A 239 -20.01 38.54 7.53
CA ASP A 239 -20.63 39.51 6.59
C ASP A 239 -21.32 38.88 5.41
N TYR A 240 -20.69 37.87 4.79
CA TYR A 240 -21.20 37.24 3.57
C TYR A 240 -22.23 36.13 3.78
N ILE A 241 -22.38 35.59 5.01
CA ILE A 241 -23.39 34.56 5.25
C ILE A 241 -24.82 35.08 4.93
N SER A 242 -25.60 34.19 4.29
CA SER A 242 -26.99 34.34 3.85
C SER A 242 -27.90 34.10 5.04
N PRO A 243 -29.08 34.77 5.13
CA PRO A 243 -29.96 34.57 6.30
C PRO A 243 -30.40 33.14 6.54
N GLU A 244 -30.52 32.34 5.47
CA GLU A 244 -30.94 30.94 5.56
C GLU A 244 -29.79 30.02 6.06
N VAL A 245 -28.56 30.26 5.58
CA VAL A 245 -27.38 29.52 6.02
C VAL A 245 -27.10 29.96 7.46
N LEU A 246 -27.56 31.17 7.84
CA LEU A 246 -27.40 31.70 9.17
C LEU A 246 -28.32 31.00 10.17
N LYS A 247 -29.65 31.05 9.95
CA LYS A 247 -30.66 30.41 10.82
C LYS A 247 -30.49 28.86 10.91
N SER A 248 -30.12 28.21 9.76
CA SER A 248 -29.95 26.77 9.52
C SER A 248 -29.78 25.96 10.80
N GLN A 249 -30.93 25.52 11.34
CA GLN A 249 -31.11 24.70 12.56
C GLN A 249 -30.86 23.22 12.24
N GLY A 250 -31.09 22.36 13.22
CA GLY A 250 -30.95 20.92 13.03
C GLY A 250 -31.95 20.39 12.02
N GLY A 251 -33.22 20.31 12.46
CA GLY A 251 -34.37 19.84 11.68
C GLY A 251 -34.62 20.58 10.39
N ASP A 252 -34.30 21.89 10.36
CA ASP A 252 -34.42 22.78 9.21
C ASP A 252 -33.17 22.57 8.29
N GLY A 253 -32.45 23.67 8.04
CA GLY A 253 -31.21 23.74 7.26
C GLY A 253 -31.20 23.04 5.92
N TYR A 254 -32.18 23.35 5.07
CA TYR A 254 -32.29 22.76 3.73
C TYR A 254 -32.20 23.88 2.69
N TYR A 255 -30.97 24.23 2.30
CA TYR A 255 -30.74 25.33 1.36
C TYR A 255 -30.08 24.89 0.07
N GLY A 256 -30.29 25.69 -0.98
CA GLY A 256 -29.73 25.43 -2.30
C GLY A 256 -28.57 26.35 -2.68
N ARG A 257 -28.28 26.42 -3.98
CA ARG A 257 -27.20 27.22 -4.52
C ARG A 257 -27.49 28.72 -4.50
N GLU A 258 -28.69 29.13 -4.07
CA GLU A 258 -29.02 30.55 -3.98
C GLU A 258 -28.22 31.27 -2.83
N CYS A 259 -27.64 30.48 -1.91
CA CYS A 259 -26.83 30.99 -0.80
C CYS A 259 -25.52 31.58 -1.29
N ASP A 260 -25.07 31.15 -2.47
CA ASP A 260 -23.85 31.66 -3.09
C ASP A 260 -24.19 32.97 -3.77
N TRP A 261 -25.44 33.14 -4.22
CA TRP A 261 -25.86 34.37 -4.87
C TRP A 261 -26.00 35.51 -3.87
N TRP A 262 -26.40 35.22 -2.61
CA TRP A 262 -26.48 36.24 -1.57
C TRP A 262 -25.09 36.89 -1.43
N SER A 263 -24.05 36.07 -1.23
CA SER A 263 -22.66 36.51 -1.05
C SER A 263 -22.18 37.40 -2.20
N VAL A 264 -22.61 37.13 -3.47
CA VAL A 264 -22.25 37.94 -4.65
C VAL A 264 -22.76 39.39 -4.49
N GLY A 265 -23.98 39.54 -3.95
CA GLY A 265 -24.54 40.85 -3.67
C GLY A 265 -23.68 41.57 -2.64
N VAL A 266 -23.26 40.84 -1.61
CA VAL A 266 -22.39 41.37 -0.57
C VAL A 266 -21.04 41.82 -1.19
N PHE A 267 -20.51 41.03 -2.14
CA PHE A 267 -19.27 41.36 -2.84
C PHE A 267 -19.42 42.62 -3.72
N LEU A 268 -20.58 42.75 -4.45
CA LEU A 268 -20.86 43.90 -5.33
C LEU A 268 -21.03 45.16 -4.49
N TYR A 269 -21.80 45.07 -3.38
CA TYR A 269 -22.05 46.17 -2.48
C TYR A 269 -20.72 46.70 -1.93
N GLU A 270 -19.83 45.79 -1.48
CA GLU A 270 -18.54 46.15 -0.92
C GLU A 270 -17.61 46.88 -1.90
N MET A 271 -17.51 46.39 -3.15
CA MET A 271 -16.66 47.03 -4.15
C MET A 271 -17.13 48.46 -4.50
N LEU A 272 -18.46 48.71 -4.56
CA LEU A 272 -18.97 50.02 -4.94
C LEU A 272 -19.16 50.97 -3.77
N VAL A 273 -19.66 50.47 -2.63
CA VAL A 273 -19.89 51.30 -1.45
C VAL A 273 -18.62 51.46 -0.61
N GLY A 274 -17.76 50.45 -0.58
CA GLY A 274 -16.54 50.54 0.21
C GLY A 274 -16.58 49.79 1.51
N ASP A 275 -17.79 49.45 2.00
CA ASP A 275 -18.01 48.69 3.24
C ASP A 275 -18.98 47.56 2.96
N THR A 276 -19.05 46.57 3.88
CA THR A 276 -19.98 45.45 3.80
C THR A 276 -21.37 45.94 4.17
N PRO A 277 -22.46 45.50 3.49
CA PRO A 277 -23.78 46.10 3.77
C PRO A 277 -24.35 45.88 5.17
N PHE A 278 -23.94 44.79 5.80
CA PHE A 278 -24.46 44.48 7.11
C PHE A 278 -23.37 44.65 8.14
N TYR A 279 -22.44 45.56 7.82
CA TYR A 279 -21.33 45.88 8.70
C TYR A 279 -21.82 46.57 9.94
N ALA A 280 -21.31 46.10 11.05
CA ALA A 280 -21.55 46.63 12.38
C ALA A 280 -20.27 46.42 13.15
N ASP A 281 -20.01 47.32 14.10
CA ASP A 281 -18.86 47.33 15.02
C ASP A 281 -18.56 45.93 15.57
N SER A 282 -19.44 45.38 16.42
CA SER A 282 -19.33 44.02 16.98
C SER A 282 -19.67 42.96 15.90
N LEU A 283 -19.28 41.70 16.09
CA LEU A 283 -19.65 40.65 15.11
C LEU A 283 -21.14 40.29 15.28
N VAL A 284 -21.61 40.27 16.55
CA VAL A 284 -23.01 39.99 16.87
C VAL A 284 -23.96 41.04 16.26
N GLY A 285 -23.44 42.26 16.08
CA GLY A 285 -24.13 43.35 15.42
C GLY A 285 -24.32 43.06 13.95
N THR A 286 -23.30 42.46 13.31
CA THR A 286 -23.36 42.05 11.90
C THR A 286 -24.49 41.01 11.73
N TYR A 287 -24.57 40.01 12.64
CA TYR A 287 -25.60 38.94 12.61
C TYR A 287 -27.02 39.52 12.58
N SER A 288 -27.30 40.42 13.54
CA SER A 288 -28.59 41.10 13.70
C SER A 288 -29.03 41.80 12.43
N LYS A 289 -28.10 42.52 11.79
CA LYS A 289 -28.35 43.25 10.55
C LYS A 289 -28.58 42.33 9.36
N ILE A 290 -27.92 41.14 9.30
CA ILE A 290 -28.15 40.19 8.19
C ILE A 290 -29.61 39.71 8.28
N MET A 291 -30.04 39.27 9.48
CA MET A 291 -31.39 38.79 9.73
C MET A 291 -32.43 39.82 9.33
N ASN A 292 -32.15 41.10 9.62
CA ASN A 292 -33.03 42.23 9.34
C ASN A 292 -32.58 42.98 8.06
N HIS A 293 -32.17 42.21 7.02
CA HIS A 293 -31.73 42.81 5.74
C HIS A 293 -32.78 43.72 5.09
N LYS A 294 -34.10 43.39 5.28
CA LYS A 294 -35.22 44.14 4.74
C LYS A 294 -35.12 45.64 5.07
N ASN A 295 -34.76 45.95 6.32
CA ASN A 295 -34.63 47.32 6.81
C ASN A 295 -33.20 47.80 6.98
N SER A 296 -32.25 46.88 7.19
CA SER A 296 -30.86 47.29 7.43
C SER A 296 -30.08 47.64 6.17
N LEU A 297 -30.40 47.02 5.00
CA LEU A 297 -29.70 47.32 3.74
C LEU A 297 -30.11 48.72 3.27
N THR A 298 -29.15 49.64 3.31
CA THR A 298 -29.31 51.04 2.88
C THR A 298 -28.06 51.41 2.09
N PHE A 299 -28.18 52.42 1.21
CA PHE A 299 -27.06 52.90 0.42
C PHE A 299 -26.71 54.30 0.86
N PRO A 300 -25.47 54.78 0.73
CA PRO A 300 -25.19 56.16 1.17
C PRO A 300 -25.51 57.13 0.04
N ASP A 301 -25.20 58.43 0.23
CA ASP A 301 -25.43 59.43 -0.81
C ASP A 301 -24.28 59.42 -1.84
N ASP A 302 -24.23 58.24 -2.53
CA ASP A 302 -23.30 57.80 -3.57
C ASP A 302 -24.02 57.88 -4.91
N ASN A 303 -23.85 59.06 -5.55
CA ASN A 303 -24.38 59.42 -6.87
C ASN A 303 -23.76 58.45 -7.91
N ASP A 304 -22.51 58.02 -7.63
CA ASP A 304 -21.72 57.09 -8.42
C ASP A 304 -22.34 55.66 -8.54
N ILE A 305 -23.23 55.23 -7.57
CA ILE A 305 -23.84 53.89 -7.70
C ILE A 305 -25.02 54.07 -8.65
N SER A 306 -25.03 53.32 -9.77
CA SER A 306 -26.08 53.40 -10.77
C SER A 306 -27.39 52.84 -10.27
N LYS A 307 -28.45 53.04 -11.06
CA LYS A 307 -29.79 52.50 -10.80
C LYS A 307 -29.69 50.97 -10.88
N GLU A 308 -29.04 50.43 -11.96
CA GLU A 308 -28.91 48.98 -12.19
C GLU A 308 -27.95 48.26 -11.23
N ALA A 309 -26.92 48.95 -10.69
CA ALA A 309 -26.03 48.33 -9.71
C ALA A 309 -26.81 48.16 -8.41
N LYS A 310 -27.48 49.24 -7.95
CA LYS A 310 -28.36 49.27 -6.79
C LYS A 310 -29.40 48.17 -6.92
N ASN A 311 -29.94 47.94 -8.13
CA ASN A 311 -30.96 46.92 -8.34
C ASN A 311 -30.42 45.51 -8.21
N LEU A 312 -29.23 45.20 -8.80
CA LEU A 312 -28.61 43.85 -8.74
C LEU A 312 -28.34 43.44 -7.30
N ILE A 313 -27.79 44.38 -6.51
CA ILE A 313 -27.45 44.21 -5.10
C ILE A 313 -28.73 43.85 -4.35
N CYS A 314 -29.83 44.58 -4.60
CA CYS A 314 -31.09 44.35 -3.91
C CYS A 314 -31.80 43.11 -4.36
N ALA A 315 -31.53 42.68 -5.61
CA ALA A 315 -32.05 41.47 -6.25
C ALA A 315 -31.34 40.22 -5.68
N PHE A 316 -30.13 40.43 -5.13
CA PHE A 316 -29.31 39.39 -4.52
C PHE A 316 -29.45 39.40 -3.00
N LEU A 317 -29.67 40.58 -2.41
CA LEU A 317 -29.79 40.77 -0.96
C LEU A 317 -31.26 40.73 -0.47
N THR A 318 -31.99 39.69 -0.92
CA THR A 318 -33.39 39.39 -0.61
C THR A 318 -33.56 37.95 -0.11
N ASP A 319 -34.72 37.61 0.51
CA ASP A 319 -35.02 36.26 1.01
C ASP A 319 -35.00 35.29 -0.16
N ARG A 320 -34.42 34.08 0.05
CA ARG A 320 -34.20 33.02 -0.96
C ARG A 320 -35.34 32.87 -1.99
N GLU A 321 -36.60 32.94 -1.52
CA GLU A 321 -37.86 32.78 -2.27
C GLU A 321 -38.01 33.72 -3.48
N VAL A 322 -37.37 34.89 -3.45
CA VAL A 322 -37.40 35.87 -4.55
C VAL A 322 -35.99 36.40 -4.87
N ARG A 323 -34.97 35.56 -4.62
CA ARG A 323 -33.59 35.94 -4.88
C ARG A 323 -33.24 35.67 -6.33
N LEU A 324 -32.60 36.66 -6.99
CA LEU A 324 -32.16 36.52 -8.38
C LEU A 324 -31.18 35.33 -8.48
N GLY A 325 -31.54 34.38 -9.31
CA GLY A 325 -30.75 33.16 -9.48
C GLY A 325 -31.46 31.93 -8.94
N ARG A 326 -32.71 32.12 -8.47
CA ARG A 326 -33.55 31.03 -7.98
C ARG A 326 -33.99 30.19 -9.21
N ASN A 327 -34.07 30.84 -10.39
CA ASN A 327 -34.44 30.21 -11.66
C ASN A 327 -33.20 30.07 -12.59
N GLY A 328 -32.01 29.86 -12.03
CA GLY A 328 -30.76 29.66 -12.76
C GLY A 328 -29.94 30.90 -13.08
N VAL A 329 -28.70 30.68 -13.58
CA VAL A 329 -27.72 31.72 -13.95
C VAL A 329 -28.20 32.68 -15.01
N GLU A 330 -28.87 32.17 -16.06
CA GLU A 330 -29.28 33.01 -17.17
C GLU A 330 -30.09 34.23 -16.74
N GLU A 331 -30.87 34.17 -15.63
CA GLU A 331 -31.60 35.36 -15.18
C GLU A 331 -30.66 36.42 -14.55
N ILE A 332 -29.49 35.99 -14.01
CA ILE A 332 -28.44 36.89 -13.47
C ILE A 332 -27.73 37.55 -14.68
N LYS A 333 -27.29 36.71 -15.65
CA LYS A 333 -26.58 37.13 -16.85
C LYS A 333 -27.38 38.17 -17.64
N ARG A 334 -28.70 37.96 -17.77
CA ARG A 334 -29.60 38.88 -18.47
C ARG A 334 -29.80 40.23 -17.76
N HIS A 335 -29.29 40.40 -16.52
CA HIS A 335 -29.46 41.66 -15.75
C HIS A 335 -28.84 42.83 -16.47
N LEU A 336 -29.50 43.99 -16.37
CA LEU A 336 -29.07 45.23 -17.03
C LEU A 336 -27.74 45.74 -16.53
N PHE A 337 -27.38 45.44 -15.26
CA PHE A 337 -26.11 45.88 -14.71
C PHE A 337 -24.95 45.32 -15.54
N PHE A 338 -25.11 44.10 -16.06
CA PHE A 338 -24.08 43.50 -16.89
C PHE A 338 -24.05 44.04 -18.32
N LYS A 339 -25.12 44.80 -18.75
CA LYS A 339 -25.18 45.36 -20.13
C LYS A 339 -23.96 46.22 -20.38
N ASN A 340 -23.16 45.79 -21.38
CA ASN A 340 -21.92 46.47 -21.75
C ASN A 340 -21.50 46.16 -23.17
N ASP A 341 -20.58 46.99 -23.69
CA ASP A 341 -20.06 46.93 -25.07
C ASP A 341 -18.51 46.73 -25.10
N GLN A 342 -17.97 46.01 -24.09
CA GLN A 342 -16.55 45.72 -23.97
C GLN A 342 -16.27 44.21 -23.86
N TRP A 343 -17.26 43.41 -23.39
CA TRP A 343 -17.15 41.95 -23.31
C TRP A 343 -18.47 41.20 -23.52
N ALA A 344 -18.37 39.91 -23.86
CA ALA A 344 -19.50 39.02 -24.02
C ALA A 344 -19.28 37.87 -23.08
N TRP A 345 -20.31 37.48 -22.31
CA TRP A 345 -20.20 36.40 -21.32
C TRP A 345 -19.32 35.20 -21.74
N GLU A 346 -19.63 34.67 -22.93
CA GLU A 346 -18.99 33.49 -23.52
C GLU A 346 -17.51 33.70 -23.91
N THR A 347 -16.98 34.92 -23.82
CA THR A 347 -15.60 35.21 -24.19
C THR A 347 -14.89 36.16 -23.17
N LEU A 348 -15.51 36.37 -22.00
CA LEU A 348 -15.03 37.26 -20.94
C LEU A 348 -13.62 36.92 -20.45
N ARG A 349 -13.26 35.61 -20.33
CA ARG A 349 -11.93 35.25 -19.83
C ARG A 349 -10.84 35.47 -20.87
N ASP A 350 -11.25 35.72 -22.11
CA ASP A 350 -10.35 36.00 -23.21
C ASP A 350 -10.23 37.51 -23.44
N THR A 351 -10.99 38.31 -22.68
CA THR A 351 -10.89 39.76 -22.76
C THR A 351 -9.72 40.27 -21.89
N VAL A 352 -9.30 41.53 -22.08
CA VAL A 352 -8.18 42.10 -21.34
C VAL A 352 -8.68 42.69 -20.01
N ALA A 353 -8.17 42.12 -18.90
CA ALA A 353 -8.52 42.43 -17.52
C ALA A 353 -8.46 43.94 -17.17
N PRO A 354 -9.20 44.44 -16.12
CA PRO A 354 -9.11 45.88 -15.77
C PRO A 354 -7.74 46.22 -15.20
N VAL A 355 -7.24 45.36 -14.30
CA VAL A 355 -5.93 45.51 -13.67
C VAL A 355 -5.07 44.34 -14.15
N VAL A 356 -4.02 44.64 -14.95
CA VAL A 356 -3.13 43.57 -15.44
C VAL A 356 -1.90 43.54 -14.57
N PRO A 357 -1.64 42.44 -13.80
CA PRO A 357 -0.46 42.43 -12.93
C PRO A 357 0.86 42.65 -13.71
N ASP A 358 1.60 43.70 -13.28
CA ASP A 358 2.95 44.06 -13.73
C ASP A 358 3.83 43.34 -12.68
N LEU A 359 4.46 42.22 -13.09
CA LEU A 359 5.24 41.39 -12.18
C LEU A 359 6.71 41.35 -12.55
N SER A 360 7.55 41.42 -11.51
CA SER A 360 9.01 41.43 -11.57
C SER A 360 9.65 40.12 -12.01
N SER A 361 9.09 38.99 -11.57
CA SER A 361 9.64 37.66 -11.83
C SER A 361 8.60 36.57 -11.58
N ASP A 362 9.01 35.31 -11.77
CA ASP A 362 8.22 34.09 -11.53
C ASP A 362 7.81 33.96 -10.07
N ILE A 363 8.64 34.53 -9.15
CA ILE A 363 8.41 34.52 -7.70
C ILE A 363 7.97 35.87 -7.12
N ASP A 364 7.54 36.83 -7.96
CA ASP A 364 7.06 38.13 -7.51
C ASP A 364 5.90 37.93 -6.51
N THR A 365 6.12 38.38 -5.26
CA THR A 365 5.16 38.28 -4.14
C THR A 365 4.71 39.67 -3.66
N SER A 366 4.72 40.68 -4.57
CA SER A 366 4.36 42.07 -4.26
C SER A 366 2.92 42.23 -3.80
N ASN A 367 2.02 41.43 -4.36
CA ASN A 367 0.60 41.50 -4.04
C ASN A 367 0.25 40.81 -2.71
N PHE A 368 1.20 40.12 -2.10
CA PHE A 368 0.95 39.41 -0.85
C PHE A 368 1.75 40.02 0.29
N ASP A 369 1.06 40.45 1.37
CA ASP A 369 1.74 41.03 2.52
C ASP A 369 2.34 39.90 3.32
N ASP A 370 3.44 40.15 4.05
CA ASP A 370 4.09 39.07 4.81
C ASP A 370 3.54 38.85 6.21
N LEU A 371 3.60 37.57 6.63
CA LEU A 371 3.20 37.02 7.92
C LEU A 371 4.39 36.14 8.37
N GLU A 372 4.74 36.22 9.68
CA GLU A 372 5.87 35.56 10.38
C GLU A 372 6.36 34.21 9.77
N GLU A 378 4.73 23.28 15.98
CA GLU A 378 4.94 23.44 17.41
C GLU A 378 3.98 22.57 18.24
N GLU A 379 2.67 22.71 17.95
CA GLU A 379 1.58 21.96 18.58
C GLU A 379 1.62 20.54 17.98
N THR A 380 1.63 19.49 18.83
CA THR A 380 1.75 18.12 18.30
C THR A 380 1.03 17.03 19.11
N PHE A 381 0.69 15.91 18.44
CA PHE A 381 0.08 14.73 19.07
C PHE A 381 0.99 14.20 20.16
N PRO A 382 0.44 13.78 21.30
CA PRO A 382 1.30 13.21 22.34
C PRO A 382 1.70 11.78 21.98
N ILE A 383 2.80 11.27 22.55
CA ILE A 383 3.26 9.89 22.29
C ILE A 383 2.22 8.92 22.90
N PRO A 384 1.57 8.07 22.08
CA PRO A 384 0.54 7.18 22.63
C PRO A 384 1.08 5.97 23.38
N LYS A 385 0.41 5.62 24.46
CA LYS A 385 0.74 4.45 25.27
C LYS A 385 0.21 3.19 24.57
N ALA A 386 -0.89 3.33 23.81
CA ALA A 386 -1.55 2.26 23.06
C ALA A 386 -1.74 2.66 21.59
N PHE A 387 -2.23 1.73 20.73
CA PHE A 387 -2.49 2.05 19.32
C PHE A 387 -3.73 2.93 19.25
N VAL A 388 -3.52 4.18 18.78
CA VAL A 388 -4.57 5.19 18.66
C VAL A 388 -4.94 5.47 17.20
N GLY A 389 -4.01 5.12 16.30
CA GLY A 389 -4.16 5.26 14.85
C GLY A 389 -4.52 6.64 14.36
N ASN A 390 -3.78 7.66 14.84
CA ASN A 390 -4.04 9.05 14.47
C ASN A 390 -3.88 9.34 12.96
N GLN A 391 -3.12 8.52 12.19
CA GLN A 391 -2.89 8.72 10.74
C GLN A 391 -3.97 8.07 9.82
N LEU A 392 -4.88 7.22 10.38
CA LEU A 392 -5.92 6.54 9.61
C LEU A 392 -6.94 7.52 8.92
N PRO A 393 -7.48 8.61 9.57
CA PRO A 393 -8.41 9.51 8.85
C PRO A 393 -7.91 10.20 7.57
N PHE A 394 -6.59 10.12 7.31
CA PHE A 394 -5.93 10.75 6.17
C PHE A 394 -5.32 9.77 5.18
N VAL A 395 -5.57 8.45 5.34
CA VAL A 395 -5.10 7.45 4.40
C VAL A 395 -5.84 7.68 3.06
N GLY A 396 -5.09 7.98 2.01
CA GLY A 396 -5.67 8.17 0.70
C GLY A 396 -5.72 9.60 0.23
N PHE A 397 -5.14 10.52 1.03
CA PHE A 397 -5.09 11.94 0.69
C PHE A 397 -4.13 12.23 -0.46
N THR A 398 -2.95 11.61 -0.44
CA THR A 398 -1.92 11.74 -1.46
C THR A 398 -2.50 11.65 -2.89
N TYR A 399 -2.11 12.62 -3.75
CA TYR A 399 -2.42 12.75 -5.19
C TYR A 399 -1.04 12.95 -5.90
N TYR A 400 -0.40 11.81 -6.24
CA TYR A 400 0.95 11.75 -6.85
C TYR A 400 1.13 10.55 -7.80
N SER A 401 1.15 9.30 -7.24
CA SER A 401 1.36 8.10 -8.05
C SER A 401 0.21 7.90 -9.08
N ASN A 402 -1.05 7.84 -8.62
CA ASN A 402 -2.16 7.71 -9.57
C ASN A 402 -2.91 9.02 -9.68
N ARG A 403 -2.56 9.78 -10.71
CA ARG A 403 -3.11 11.12 -10.95
C ARG A 403 -3.83 11.17 -12.30
N ARG A 404 -4.69 12.19 -12.49
CA ARG A 404 -5.43 12.39 -13.71
C ARG A 404 -4.71 13.39 -14.64
N TYR A 405 -4.07 12.83 -15.71
CA TYR A 405 -3.31 13.55 -16.74
C TYR A 405 -4.12 13.51 -18.05
N MET B 5 18.24 10.64 -9.71
CA MET B 5 18.15 11.74 -8.75
C MET B 5 17.26 12.89 -9.24
N SER B 6 16.93 12.93 -10.55
CA SER B 6 16.02 13.96 -11.08
C SER B 6 14.58 13.58 -10.67
N PHE B 7 13.64 14.57 -10.74
CA PHE B 7 12.24 14.39 -10.34
C PHE B 7 11.58 13.16 -11.01
N GLU B 8 11.68 13.04 -12.35
CA GLU B 8 11.11 11.93 -13.11
C GLU B 8 11.69 10.59 -12.71
N THR B 9 13.02 10.54 -12.48
CA THR B 9 13.76 9.33 -12.09
C THR B 9 13.18 8.85 -10.77
N ARG B 10 12.88 9.80 -9.84
CA ARG B 10 12.27 9.55 -8.52
C ARG B 10 10.86 8.94 -8.62
N PHE B 11 10.09 9.39 -9.63
CA PHE B 11 8.72 8.95 -9.93
C PHE B 11 8.74 7.54 -10.51
N GLU B 12 9.58 7.34 -11.56
CA GLU B 12 9.80 6.11 -12.29
C GLU B 12 10.32 5.05 -11.34
N LYS B 13 11.33 5.38 -10.49
CA LYS B 13 11.91 4.47 -9.49
C LYS B 13 10.83 3.94 -8.57
N MET B 14 9.92 4.83 -8.13
CA MET B 14 8.78 4.53 -7.26
C MET B 14 7.72 3.70 -8.02
N ASP B 15 7.43 4.06 -9.27
CA ASP B 15 6.45 3.35 -10.10
C ASP B 15 6.89 1.89 -10.36
N ASN B 16 8.18 1.65 -10.71
CA ASN B 16 8.67 0.30 -10.96
C ASN B 16 8.78 -0.51 -9.66
N LEU B 17 8.86 0.17 -8.47
CA LEU B 17 8.89 -0.45 -7.14
C LEU B 17 7.52 -1.05 -6.80
N LEU B 18 6.47 -0.60 -7.49
CA LEU B 18 5.11 -1.08 -7.27
C LEU B 18 4.79 -2.22 -8.21
N ARG B 19 5.62 -2.42 -9.24
CA ARG B 19 5.44 -3.43 -10.31
C ARG B 19 6.31 -4.68 -10.14
N ASP B 20 7.48 -4.51 -9.49
CA ASP B 20 8.51 -5.51 -9.23
C ASP B 20 7.94 -6.68 -8.42
N PRO B 21 8.01 -7.96 -8.87
CA PRO B 21 7.45 -9.03 -8.05
C PRO B 21 8.37 -9.40 -6.87
N LYS B 22 9.55 -8.76 -6.82
CA LYS B 22 10.54 -8.95 -5.77
C LYS B 22 10.52 -7.82 -4.75
N SER B 23 9.86 -6.69 -5.08
CA SER B 23 9.78 -5.54 -4.17
C SER B 23 8.92 -5.80 -2.93
N GLU B 24 9.33 -5.19 -1.80
CA GLU B 24 8.61 -5.26 -0.52
C GLU B 24 7.31 -4.41 -0.55
N VAL B 25 7.22 -3.46 -1.51
CA VAL B 25 6.11 -2.53 -1.69
C VAL B 25 5.38 -2.64 -3.03
N ASN B 26 5.32 -3.85 -3.64
CA ASN B 26 4.53 -4.02 -4.85
C ASN B 26 3.04 -4.05 -4.44
N SER B 27 2.15 -3.83 -5.41
CA SER B 27 0.72 -3.71 -5.19
C SER B 27 0.10 -4.85 -4.35
N ASP B 28 0.69 -6.07 -4.42
CA ASP B 28 0.28 -7.26 -3.63
C ASP B 28 0.67 -7.12 -2.13
N CYS B 29 1.91 -6.72 -1.80
CA CYS B 29 2.30 -6.47 -0.42
C CYS B 29 1.50 -5.29 0.10
N LEU B 30 1.38 -4.22 -0.72
CA LEU B 30 0.64 -3.04 -0.28
C LEU B 30 -0.80 -3.37 0.07
N LEU B 31 -1.46 -4.18 -0.77
CA LEU B 31 -2.83 -4.63 -0.56
C LEU B 31 -2.92 -5.48 0.70
N ASP B 32 -1.94 -6.41 0.89
CA ASP B 32 -1.82 -7.30 2.05
C ASP B 32 -1.83 -6.47 3.34
N GLY B 33 -1.10 -5.35 3.31
CA GLY B 33 -1.00 -4.39 4.40
C GLY B 33 -2.35 -3.83 4.81
N LEU B 34 -3.18 -3.45 3.82
CA LEU B 34 -4.53 -2.93 4.06
C LEU B 34 -5.46 -4.04 4.56
N ASP B 35 -5.39 -5.21 3.93
CA ASP B 35 -6.16 -6.39 4.28
C ASP B 35 -5.90 -6.79 5.75
N ALA B 36 -4.64 -6.65 6.22
CA ALA B 36 -4.23 -6.96 7.59
C ALA B 36 -4.81 -5.93 8.55
N LEU B 37 -4.69 -4.64 8.18
CA LEU B 37 -5.18 -3.52 8.97
C LEU B 37 -6.66 -3.67 9.27
N VAL B 38 -7.46 -4.10 8.28
CA VAL B 38 -8.90 -4.33 8.43
C VAL B 38 -9.16 -5.55 9.34
N TYR B 39 -8.43 -6.68 9.13
CA TYR B 39 -8.55 -7.90 9.96
C TYR B 39 -8.21 -7.65 11.46
N ASP B 40 -7.05 -7.01 11.75
CA ASP B 40 -6.57 -6.71 13.10
C ASP B 40 -7.33 -5.56 13.82
N LEU B 41 -8.07 -4.68 13.10
CA LEU B 41 -8.77 -3.59 13.78
C LEU B 41 -10.24 -3.91 14.01
N ASP B 42 -10.85 -4.74 13.15
CA ASP B 42 -12.28 -5.04 13.23
C ASP B 42 -12.67 -5.88 14.43
N PHE B 43 -12.84 -5.20 15.56
CA PHE B 43 -13.22 -5.79 16.84
C PHE B 43 -14.03 -4.73 17.57
N PRO B 44 -15.07 -5.09 18.35
CA PRO B 44 -15.90 -4.04 19.01
C PRO B 44 -15.14 -3.12 19.97
N ALA B 45 -14.13 -3.68 20.68
CA ALA B 45 -13.26 -3.00 21.65
C ALA B 45 -12.46 -1.86 21.01
N LEU B 46 -11.80 -2.15 19.87
CA LEU B 46 -10.96 -1.23 19.12
C LEU B 46 -11.77 -0.17 18.39
N ARG B 47 -12.94 -0.57 17.86
CA ARG B 47 -13.89 0.28 17.13
C ARG B 47 -14.45 1.43 17.99
N LYS B 48 -14.26 1.38 19.34
CA LYS B 48 -14.69 2.43 20.25
C LYS B 48 -13.87 3.72 19.98
N ASN B 49 -12.70 3.57 19.32
CA ASN B 49 -11.77 4.60 18.86
C ASN B 49 -12.33 5.08 17.50
N LYS B 50 -12.65 6.40 17.37
CA LYS B 50 -13.21 6.95 16.12
C LYS B 50 -12.28 6.85 14.92
N ASN B 51 -10.96 7.07 15.13
CA ASN B 51 -9.95 6.96 14.06
C ASN B 51 -10.08 5.57 13.45
N ILE B 52 -10.13 4.52 14.29
CA ILE B 52 -10.30 3.12 13.91
C ILE B 52 -11.68 2.88 13.29
N ASP B 53 -12.77 3.18 14.01
CA ASP B 53 -14.14 2.97 13.54
C ASP B 53 -14.43 3.62 12.19
N ASN B 54 -14.10 4.89 12.03
CA ASN B 54 -14.34 5.60 10.79
C ASN B 54 -13.51 5.04 9.63
N PHE B 55 -12.28 4.58 9.92
CA PHE B 55 -11.43 3.97 8.91
C PHE B 55 -12.13 2.72 8.40
N LEU B 56 -12.45 1.78 9.32
CA LEU B 56 -13.10 0.51 8.98
C LEU B 56 -14.44 0.71 8.25
N SER B 57 -15.22 1.73 8.62
CA SER B 57 -16.49 2.06 7.99
C SER B 57 -16.25 2.44 6.55
N ARG B 58 -15.25 3.32 6.32
CA ARG B 58 -14.87 3.83 5.00
C ARG B 58 -14.41 2.73 4.02
N TYR B 59 -13.53 1.85 4.47
CA TYR B 59 -12.99 0.81 3.61
C TYR B 59 -13.77 -0.50 3.60
N LYS B 60 -14.98 -0.55 4.22
CA LYS B 60 -15.78 -1.79 4.27
C LYS B 60 -16.15 -2.33 2.87
N ASP B 61 -16.90 -1.55 2.09
CA ASP B 61 -17.34 -1.86 0.73
C ASP B 61 -16.16 -2.34 -0.13
N THR B 62 -15.08 -1.52 -0.15
CA THR B 62 -13.84 -1.70 -0.89
C THR B 62 -13.11 -2.96 -0.46
N ILE B 63 -12.74 -3.08 0.83
CA ILE B 63 -12.00 -4.25 1.35
C ILE B 63 -12.68 -5.56 0.96
N ASN B 64 -14.02 -5.58 0.96
CA ASN B 64 -14.78 -6.76 0.61
C ASN B 64 -14.65 -7.09 -0.87
N LYS B 65 -14.73 -6.04 -1.74
CA LYS B 65 -14.57 -6.18 -3.19
C LYS B 65 -13.21 -6.82 -3.49
N ILE B 66 -12.13 -6.27 -2.89
CA ILE B 66 -10.74 -6.72 -2.97
C ILE B 66 -10.66 -8.21 -2.58
N ARG B 67 -11.20 -8.56 -1.39
CA ARG B 67 -11.24 -9.91 -0.84
C ARG B 67 -11.84 -10.93 -1.81
N ASP B 68 -12.91 -10.52 -2.51
CA ASP B 68 -13.60 -11.35 -3.49
C ASP B 68 -12.77 -11.54 -4.79
N LEU B 69 -12.20 -10.43 -5.33
CA LEU B 69 -11.40 -10.47 -6.57
C LEU B 69 -10.08 -11.21 -6.39
N ARG B 70 -9.27 -10.79 -5.38
CA ARG B 70 -7.97 -11.37 -5.06
C ARG B 70 -8.07 -12.88 -4.89
N MET B 71 -7.00 -13.63 -5.26
CA MET B 71 -7.01 -15.09 -5.16
C MET B 71 -7.41 -15.52 -3.76
N LYS B 72 -8.27 -16.54 -3.70
CA LYS B 72 -8.82 -17.09 -2.46
C LYS B 72 -8.80 -18.63 -2.49
N ALA B 73 -8.87 -19.25 -1.30
CA ALA B 73 -8.83 -20.71 -1.14
C ALA B 73 -10.01 -21.45 -1.82
N GLU B 74 -11.15 -20.73 -2.01
CA GLU B 74 -12.38 -21.25 -2.61
C GLU B 74 -12.27 -21.41 -4.11
N ASP B 75 -11.21 -20.83 -4.73
CA ASP B 75 -10.94 -20.94 -6.16
C ASP B 75 -10.31 -22.29 -6.53
N TYR B 76 -9.96 -23.13 -5.51
CA TYR B 76 -9.38 -24.44 -5.75
C TYR B 76 -10.24 -25.55 -5.20
N GLU B 77 -10.35 -26.64 -6.00
CA GLU B 77 -11.06 -27.89 -5.70
C GLU B 77 -10.00 -28.84 -5.14
N VAL B 78 -10.18 -29.29 -3.90
CA VAL B 78 -9.22 -30.22 -3.30
C VAL B 78 -9.53 -31.67 -3.76
N VAL B 79 -8.48 -32.40 -4.20
CA VAL B 79 -8.56 -33.76 -4.71
C VAL B 79 -8.12 -34.79 -3.67
N LYS B 80 -7.01 -34.53 -2.94
CA LYS B 80 -6.47 -35.46 -1.93
C LYS B 80 -5.54 -34.69 -1.00
N VAL B 81 -5.41 -35.11 0.27
CA VAL B 81 -4.45 -34.51 1.20
C VAL B 81 -3.25 -35.43 1.07
N ILE B 82 -2.29 -35.04 0.24
CA ILE B 82 -1.13 -35.87 -0.09
C ILE B 82 0.04 -35.64 0.86
N GLY B 83 -0.18 -34.92 1.95
CA GLY B 83 0.87 -34.66 2.92
C GLY B 83 0.39 -33.92 4.13
N ARG B 84 1.10 -34.07 5.26
CA ARG B 84 0.77 -33.38 6.50
C ARG B 84 2.04 -33.04 7.26
N GLY B 85 1.91 -32.15 8.24
CA GLY B 85 2.96 -31.65 9.09
C GLY B 85 2.40 -30.96 10.33
N ALA B 86 3.31 -30.43 11.17
CA ALA B 86 2.98 -29.79 12.44
C ALA B 86 2.04 -28.61 12.27
N PHE B 87 2.45 -27.65 11.41
CA PHE B 87 1.73 -26.43 11.12
C PHE B 87 0.74 -26.55 9.97
N GLY B 88 1.07 -27.30 8.91
CA GLY B 88 0.15 -27.38 7.79
C GLY B 88 -0.04 -28.74 7.16
N GLU B 89 -0.49 -28.73 5.91
CA GLU B 89 -0.72 -29.89 5.08
C GLU B 89 -0.59 -29.52 3.61
N VAL B 90 -0.15 -30.46 2.80
CA VAL B 90 -0.01 -30.28 1.35
C VAL B 90 -1.23 -30.96 0.76
N GLN B 91 -1.78 -30.43 -0.33
CA GLN B 91 -2.93 -31.11 -0.93
C GLN B 91 -2.95 -31.01 -2.45
N LEU B 92 -3.19 -32.13 -3.15
CA LEU B 92 -3.36 -32.11 -4.59
C LEU B 92 -4.70 -31.39 -4.82
N VAL B 93 -4.67 -30.27 -5.57
CA VAL B 93 -5.83 -29.41 -5.86
C VAL B 93 -5.94 -29.09 -7.34
N ARG B 94 -7.14 -28.69 -7.78
CA ARG B 94 -7.41 -28.30 -9.15
C ARG B 94 -8.03 -26.91 -9.16
N HIS B 95 -7.51 -26.00 -9.98
CA HIS B 95 -8.07 -24.66 -10.07
C HIS B 95 -9.40 -24.76 -10.82
N LYS B 96 -10.52 -24.46 -10.13
CA LYS B 96 -11.89 -24.56 -10.64
C LYS B 96 -12.13 -23.93 -12.04
N SER B 97 -11.49 -22.77 -12.35
CA SER B 97 -11.60 -22.02 -13.63
C SER B 97 -10.65 -22.51 -14.74
N THR B 98 -9.32 -22.47 -14.47
CA THR B 98 -8.27 -22.85 -15.42
C THR B 98 -8.21 -24.37 -15.67
N ARG B 99 -8.77 -25.19 -14.75
CA ARG B 99 -8.79 -26.67 -14.79
C ARG B 99 -7.43 -27.29 -14.44
N LYS B 100 -6.39 -26.41 -14.29
CA LYS B 100 -5.01 -26.78 -13.99
C LYS B 100 -4.86 -27.45 -12.61
N VAL B 101 -4.01 -28.51 -12.56
CA VAL B 101 -3.73 -29.33 -11.37
C VAL B 101 -2.40 -28.92 -10.68
N TYR B 102 -2.49 -28.63 -9.38
CA TYR B 102 -1.37 -28.15 -8.58
C TYR B 102 -1.24 -28.86 -7.24
N ALA B 103 -0.12 -28.61 -6.54
CA ALA B 103 0.10 -29.06 -5.18
C ALA B 103 0.08 -27.75 -4.32
N MET B 104 -0.77 -27.71 -3.27
CA MET B 104 -0.96 -26.53 -2.43
C MET B 104 -0.59 -26.77 -0.97
N LYS B 105 0.48 -26.08 -0.49
CA LYS B 105 0.92 -26.14 0.91
C LYS B 105 0.20 -25.06 1.73
N LEU B 106 -0.55 -25.51 2.75
CA LEU B 106 -1.30 -24.68 3.69
C LEU B 106 -0.51 -24.52 4.99
N LEU B 107 -0.54 -23.35 5.61
CA LEU B 107 0.19 -23.13 6.86
C LEU B 107 -0.70 -22.33 7.81
N SER B 108 -1.13 -22.93 8.95
CA SER B 108 -2.00 -22.22 9.92
C SER B 108 -1.29 -21.04 10.61
N LYS B 109 -1.78 -19.81 10.32
CA LYS B 109 -1.30 -18.53 10.86
C LYS B 109 -1.46 -18.52 12.37
N PHE B 110 -2.48 -19.25 12.85
CA PHE B 110 -2.71 -19.37 14.28
C PHE B 110 -1.56 -20.08 14.97
N GLU B 111 -1.25 -21.30 14.52
CA GLU B 111 -0.20 -22.15 15.08
C GLU B 111 1.18 -21.50 15.01
N MET B 112 1.54 -20.92 13.85
CA MET B 112 2.85 -20.25 13.70
C MET B 112 3.05 -19.08 14.65
N ILE B 113 1.95 -18.45 15.09
CA ILE B 113 2.05 -17.34 16.04
C ILE B 113 2.09 -17.89 17.48
N LYS B 114 1.29 -18.94 17.77
CA LYS B 114 1.26 -19.65 19.04
C LYS B 114 2.66 -20.23 19.33
N ARG B 115 3.19 -21.06 18.41
CA ARG B 115 4.48 -21.77 18.49
C ARG B 115 5.73 -20.99 17.96
N SER B 116 5.60 -19.64 17.72
CA SER B 116 6.64 -18.73 17.17
C SER B 116 7.19 -19.31 15.85
N ASP B 117 8.47 -19.00 15.48
CA ASP B 117 9.10 -19.58 14.26
C ASP B 117 8.61 -18.94 12.91
N SER B 118 7.60 -17.97 12.96
CA SER B 118 6.89 -17.31 11.83
C SER B 118 7.73 -16.40 10.90
N ALA B 119 8.82 -16.97 10.36
CA ALA B 119 9.76 -16.36 9.42
C ALA B 119 10.38 -17.44 8.49
N PHE B 120 10.14 -18.75 8.78
CA PHE B 120 10.67 -19.85 7.97
C PHE B 120 10.14 -19.85 6.53
N PHE B 121 8.83 -19.55 6.37
CA PHE B 121 8.12 -19.50 5.10
C PHE B 121 8.65 -18.44 4.14
N TRP B 122 9.32 -17.38 4.64
CA TRP B 122 9.88 -16.32 3.79
C TRP B 122 10.89 -16.83 2.75
N GLU B 123 11.87 -17.65 3.19
CA GLU B 123 12.84 -18.24 2.27
C GLU B 123 12.19 -19.35 1.47
N GLU B 124 11.14 -20.03 2.03
CA GLU B 124 10.43 -21.06 1.27
C GLU B 124 9.70 -20.47 0.06
N ARG B 125 9.15 -19.25 0.24
CA ARG B 125 8.46 -18.52 -0.80
C ARG B 125 9.42 -18.01 -1.85
N ASP B 126 10.47 -17.30 -1.43
CA ASP B 126 11.40 -16.71 -2.42
C ASP B 126 12.14 -17.74 -3.24
N ILE B 127 12.60 -18.85 -2.61
CA ILE B 127 13.36 -19.90 -3.29
C ILE B 127 12.50 -20.49 -4.38
N MET B 128 11.27 -20.91 -4.07
CA MET B 128 10.34 -21.52 -5.05
C MET B 128 9.85 -20.56 -6.14
N ALA B 129 9.65 -19.27 -5.76
CA ALA B 129 9.13 -18.24 -6.67
C ALA B 129 10.14 -17.72 -7.66
N PHE B 130 11.39 -17.47 -7.21
CA PHE B 130 12.45 -16.86 -8.03
C PHE B 130 13.62 -17.76 -8.48
N ALA B 131 13.76 -18.98 -7.90
CA ALA B 131 14.82 -19.95 -8.22
C ALA B 131 15.11 -20.09 -9.70
N ASN B 132 14.05 -20.45 -10.44
CA ASN B 132 14.07 -20.67 -11.88
C ASN B 132 15.10 -21.74 -12.29
N SER B 133 15.04 -22.89 -11.58
CA SER B 133 15.87 -24.06 -11.83
C SER B 133 14.96 -25.26 -12.02
N PRO B 134 15.36 -26.21 -12.90
CA PRO B 134 14.57 -27.43 -13.04
C PRO B 134 14.81 -28.37 -11.84
N TRP B 135 15.53 -27.87 -10.82
CA TRP B 135 15.90 -28.61 -9.64
C TRP B 135 15.11 -28.20 -8.44
N VAL B 136 14.31 -27.12 -8.60
CA VAL B 136 13.48 -26.56 -7.53
C VAL B 136 12.01 -26.53 -7.95
N VAL B 137 11.12 -27.05 -7.09
CA VAL B 137 9.65 -27.03 -7.27
C VAL B 137 9.24 -25.55 -7.40
N GLN B 138 8.44 -25.23 -8.40
CA GLN B 138 8.06 -23.84 -8.67
C GLN B 138 6.75 -23.36 -8.02
N LEU B 139 6.83 -22.19 -7.36
CA LEU B 139 5.69 -21.51 -6.75
C LEU B 139 5.05 -20.70 -7.88
N PHE B 140 3.73 -20.84 -8.07
CA PHE B 140 2.99 -20.10 -9.10
C PHE B 140 2.24 -18.95 -8.44
N TYR B 141 1.60 -19.20 -7.29
CA TYR B 141 0.83 -18.21 -6.56
C TYR B 141 0.92 -18.48 -5.09
N ALA B 142 1.21 -17.44 -4.31
CA ALA B 142 1.23 -17.50 -2.84
C ALA B 142 0.19 -16.52 -2.44
N PHE B 143 -0.73 -16.90 -1.55
CA PHE B 143 -1.79 -16.01 -1.08
C PHE B 143 -2.12 -16.35 0.36
N GLN B 144 -2.89 -15.50 1.04
CA GLN B 144 -3.25 -15.73 2.44
C GLN B 144 -4.72 -15.43 2.71
N ASP B 145 -5.10 -15.50 4.00
CA ASP B 145 -6.38 -15.16 4.60
C ASP B 145 -6.18 -15.12 6.12
N ASP B 146 -7.15 -14.58 6.86
CA ASP B 146 -7.08 -14.47 8.32
C ASP B 146 -6.59 -15.75 9.06
N ARG B 147 -6.84 -16.93 8.47
CA ARG B 147 -6.52 -18.23 9.06
C ARG B 147 -5.22 -18.91 8.53
N TYR B 148 -4.97 -18.96 7.19
CA TYR B 148 -3.76 -19.63 6.63
C TYR B 148 -2.99 -18.86 5.55
N LEU B 149 -1.78 -19.35 5.26
CA LEU B 149 -0.91 -18.96 4.16
C LEU B 149 -1.01 -20.12 3.16
N TYR B 150 -1.02 -19.85 1.85
CA TYR B 150 -1.14 -20.89 0.80
C TYR B 150 -0.04 -20.77 -0.21
N MET B 151 0.48 -21.91 -0.65
CA MET B 151 1.49 -21.92 -1.70
C MET B 151 1.03 -22.85 -2.79
N VAL B 152 0.75 -22.31 -3.99
CA VAL B 152 0.27 -23.09 -5.16
C VAL B 152 1.50 -23.41 -6.00
N MET B 153 1.95 -24.68 -6.00
CA MET B 153 3.17 -25.11 -6.69
C MET B 153 2.91 -26.16 -7.76
N GLU B 154 3.97 -26.51 -8.54
CA GLU B 154 3.83 -27.57 -9.57
C GLU B 154 3.73 -28.93 -8.90
N TYR B 155 2.71 -29.72 -9.31
CA TYR B 155 2.47 -31.07 -8.80
C TYR B 155 3.52 -32.04 -9.33
N MET B 156 4.19 -32.75 -8.42
CA MET B 156 5.24 -33.73 -8.72
C MET B 156 4.60 -35.12 -8.69
N PRO B 157 4.15 -35.69 -9.82
CA PRO B 157 3.41 -36.95 -9.72
C PRO B 157 4.24 -38.21 -9.40
N GLY B 158 5.57 -38.14 -9.56
CA GLY B 158 6.46 -39.28 -9.32
C GLY B 158 6.69 -39.73 -7.89
N GLY B 159 6.17 -38.96 -6.94
CA GLY B 159 6.31 -39.28 -5.52
C GLY B 159 7.66 -38.86 -4.98
N ASP B 160 7.93 -39.16 -3.70
CA ASP B 160 9.21 -38.82 -3.09
C ASP B 160 10.14 -40.02 -3.08
N LEU B 161 11.42 -39.78 -2.75
CA LEU B 161 12.43 -40.82 -2.70
C LEU B 161 12.12 -41.84 -1.57
N VAL B 162 11.40 -41.41 -0.50
CA VAL B 162 11.01 -42.28 0.59
C VAL B 162 10.21 -43.47 0.04
N ASN B 163 9.20 -43.16 -0.78
CA ASN B 163 8.34 -44.13 -1.46
C ASN B 163 9.19 -45.05 -2.36
N LEU B 164 10.10 -44.46 -3.19
CA LEU B 164 10.95 -45.26 -4.09
C LEU B 164 11.78 -46.26 -3.31
N MET B 165 12.48 -45.79 -2.26
CA MET B 165 13.33 -46.62 -1.44
C MET B 165 12.57 -47.72 -0.75
N SER B 166 11.33 -47.41 -0.35
CA SER B 166 10.45 -48.36 0.30
C SER B 166 9.97 -49.45 -0.65
N ASN B 167 10.00 -49.21 -1.99
CA ASN B 167 9.53 -50.20 -2.97
C ASN B 167 10.64 -50.95 -3.72
N TYR B 168 11.90 -50.48 -3.61
CA TYR B 168 13.01 -51.11 -4.30
C TYR B 168 14.24 -51.23 -3.43
N ASP B 169 15.02 -52.29 -3.66
CA ASP B 169 16.36 -52.44 -3.06
C ASP B 169 17.18 -51.69 -4.12
N VAL B 170 17.49 -50.41 -3.84
CA VAL B 170 18.13 -49.53 -4.83
C VAL B 170 19.51 -50.04 -5.29
N PRO B 171 19.66 -50.35 -6.60
CA PRO B 171 20.98 -50.79 -7.11
C PRO B 171 21.92 -49.59 -7.14
N GLU B 172 23.25 -49.84 -7.13
CA GLU B 172 24.24 -48.77 -7.11
C GLU B 172 24.09 -47.79 -8.26
N LYS B 173 23.79 -48.30 -9.50
CA LYS B 173 23.61 -47.42 -10.67
C LYS B 173 22.47 -46.38 -10.49
N TRP B 174 21.36 -46.76 -9.79
CA TRP B 174 20.25 -45.87 -9.50
C TRP B 174 20.67 -44.86 -8.45
N ALA B 175 21.39 -45.32 -7.40
CA ALA B 175 21.88 -44.48 -6.32
C ALA B 175 22.83 -43.38 -6.85
N ARG B 176 23.72 -43.75 -7.80
CA ARG B 176 24.65 -42.84 -8.47
C ARG B 176 23.88 -41.74 -9.19
N PHE B 177 22.76 -42.10 -9.86
CA PHE B 177 21.87 -41.16 -10.53
C PHE B 177 21.23 -40.18 -9.51
N TYR B 178 20.40 -40.71 -8.57
CA TYR B 178 19.66 -39.91 -7.59
C TYR B 178 20.59 -39.00 -6.79
N THR B 179 21.79 -39.48 -6.35
CA THR B 179 22.82 -38.66 -5.65
C THR B 179 23.26 -37.50 -6.55
N ALA B 180 23.75 -37.78 -7.80
CA ALA B 180 24.18 -36.77 -8.78
C ALA B 180 23.13 -35.65 -8.92
N GLU B 181 21.84 -35.99 -9.13
CA GLU B 181 20.77 -34.99 -9.21
C GLU B 181 20.65 -34.18 -7.92
N VAL B 182 20.86 -34.82 -6.74
CA VAL B 182 20.83 -34.11 -5.46
C VAL B 182 22.03 -33.14 -5.38
N VAL B 183 23.22 -33.57 -5.82
CA VAL B 183 24.45 -32.75 -5.83
C VAL B 183 24.19 -31.49 -6.69
N LEU B 184 23.49 -31.67 -7.83
CA LEU B 184 23.16 -30.58 -8.73
C LEU B 184 22.06 -29.67 -8.16
N ALA B 185 20.99 -30.28 -7.63
CA ALA B 185 19.89 -29.56 -7.03
C ALA B 185 20.39 -28.73 -5.83
N LEU B 186 21.33 -29.28 -5.05
CA LEU B 186 21.90 -28.60 -3.89
C LEU B 186 22.81 -27.50 -4.32
N ASP B 187 23.60 -27.74 -5.37
CA ASP B 187 24.51 -26.72 -5.84
C ASP B 187 23.75 -25.48 -6.30
N ALA B 188 22.55 -25.66 -6.88
CA ALA B 188 21.69 -24.59 -7.37
C ALA B 188 21.22 -23.70 -6.22
N ILE B 189 20.76 -24.33 -5.11
CA ILE B 189 20.34 -23.63 -3.89
C ILE B 189 21.51 -22.82 -3.32
N HIS B 190 22.69 -23.45 -3.28
CA HIS B 190 23.93 -22.82 -2.80
C HIS B 190 24.29 -21.64 -3.68
N SER B 191 24.11 -21.77 -5.00
CA SER B 191 24.37 -20.73 -5.98
C SER B 191 23.44 -19.54 -5.79
N MET B 192 22.26 -19.79 -5.22
CA MET B 192 21.28 -18.77 -4.87
C MET B 192 21.62 -18.16 -3.52
N GLY B 193 22.63 -18.71 -2.86
CA GLY B 193 23.09 -18.24 -1.56
C GLY B 193 22.32 -18.78 -0.37
N PHE B 194 21.83 -20.02 -0.47
CA PHE B 194 21.07 -20.64 0.61
C PHE B 194 21.63 -21.96 1.02
N ILE B 195 21.48 -22.25 2.32
CA ILE B 195 21.82 -23.52 2.94
C ILE B 195 20.46 -24.19 3.28
N HIS B 196 20.23 -25.43 2.80
CA HIS B 196 19.00 -26.19 3.04
C HIS B 196 18.83 -26.62 4.49
N ARG B 197 19.93 -27.09 5.14
CA ARG B 197 19.97 -27.51 6.55
C ARG B 197 19.38 -28.92 6.79
N ASP B 198 18.20 -29.26 6.20
CA ASP B 198 17.55 -30.57 6.36
C ASP B 198 17.25 -31.29 5.03
N VAL B 199 18.32 -31.66 4.30
CA VAL B 199 18.23 -32.46 3.07
C VAL B 199 17.88 -33.89 3.52
N LYS B 200 16.83 -34.47 2.95
CA LYS B 200 16.36 -35.83 3.24
C LYS B 200 15.53 -36.42 2.08
N PRO B 201 15.31 -37.75 1.99
CA PRO B 201 14.51 -38.31 0.88
C PRO B 201 13.08 -37.75 0.77
N ASP B 202 12.51 -37.35 1.91
CA ASP B 202 11.16 -36.77 2.02
C ASP B 202 11.01 -35.50 1.20
N ASN B 203 12.15 -34.83 0.91
CA ASN B 203 12.23 -33.56 0.19
C ASN B 203 12.74 -33.73 -1.23
N MET B 204 12.93 -34.98 -1.68
CA MET B 204 13.37 -35.26 -3.05
C MET B 204 12.15 -35.71 -3.82
N LEU B 205 11.67 -34.90 -4.75
CA LEU B 205 10.46 -35.27 -5.50
C LEU B 205 10.77 -35.62 -6.92
N LEU B 206 9.89 -36.42 -7.54
CA LEU B 206 10.10 -36.86 -8.91
C LEU B 206 9.04 -36.32 -9.86
N ASP B 207 9.50 -35.69 -10.95
CA ASP B 207 8.58 -35.19 -11.95
C ASP B 207 8.04 -36.35 -12.81
N LYS B 208 7.08 -36.05 -13.72
CA LYS B 208 6.47 -37.05 -14.58
C LYS B 208 7.50 -37.91 -15.30
N SER B 209 8.69 -37.36 -15.61
CA SER B 209 9.81 -38.00 -16.32
C SER B 209 10.70 -38.86 -15.44
N GLY B 210 10.54 -38.71 -14.12
CA GLY B 210 11.28 -39.45 -13.11
C GLY B 210 12.55 -38.81 -12.62
N HIS B 211 12.74 -37.49 -12.93
CA HIS B 211 13.85 -36.61 -12.54
C HIS B 211 13.55 -35.85 -11.27
N LEU B 212 14.59 -35.63 -10.47
CA LEU B 212 14.55 -34.97 -9.17
C LEU B 212 14.30 -33.48 -9.21
N LYS B 213 13.79 -32.99 -8.07
CA LYS B 213 13.55 -31.61 -7.69
C LYS B 213 13.54 -31.63 -6.18
N LEU B 214 14.14 -30.59 -5.55
CA LEU B 214 14.13 -30.48 -4.09
C LEU B 214 12.87 -29.74 -3.72
N ALA B 215 12.32 -30.03 -2.55
CA ALA B 215 11.10 -29.38 -2.06
C ALA B 215 11.23 -29.21 -0.56
N ASP B 216 10.24 -28.57 0.10
CA ASP B 216 10.25 -28.29 1.54
C ASP B 216 11.48 -27.45 1.95
N PHE B 217 11.57 -26.23 1.40
CA PHE B 217 12.65 -25.31 1.70
C PHE B 217 12.40 -24.57 3.04
N GLY B 218 11.56 -25.16 3.90
CA GLY B 218 11.17 -24.62 5.20
C GLY B 218 12.33 -24.33 6.14
N THR B 219 13.35 -25.21 6.14
CA THR B 219 14.56 -25.09 6.98
C THR B 219 15.66 -24.16 6.42
N CYS B 220 15.49 -23.62 5.18
CA CYS B 220 16.44 -22.77 4.49
C CYS B 220 16.80 -21.50 5.23
N MET B 221 18.02 -21.01 4.99
CA MET B 221 18.54 -19.78 5.57
C MET B 221 19.46 -19.18 4.54
N LYS B 222 19.53 -17.83 4.45
CA LYS B 222 20.42 -17.11 3.52
C LYS B 222 21.81 -16.98 4.15
N MET B 223 22.84 -17.29 3.35
CA MET B 223 24.24 -17.25 3.77
C MET B 223 24.68 -15.81 3.85
N ASN B 224 25.57 -15.49 4.79
CA ASN B 224 26.12 -14.15 4.97
C ASN B 224 27.27 -13.86 3.93
N LYS B 225 28.06 -12.79 4.14
CA LYS B 225 29.15 -12.37 3.23
C LYS B 225 30.28 -13.41 3.03
N GLU B 226 30.40 -14.39 3.96
CA GLU B 226 31.41 -15.47 3.93
C GLU B 226 30.77 -16.85 3.64
N GLY B 227 29.57 -16.84 3.06
CA GLY B 227 28.79 -18.03 2.73
C GLY B 227 28.40 -18.86 3.94
N MET B 228 28.08 -18.19 5.07
CA MET B 228 27.76 -18.82 6.36
C MET B 228 26.47 -18.33 7.05
N VAL B 229 25.91 -19.18 7.91
CA VAL B 229 24.68 -18.94 8.68
C VAL B 229 24.92 -19.33 10.14
N ARG B 230 24.06 -18.86 11.05
CA ARG B 230 24.09 -19.17 12.49
C ARG B 230 22.64 -19.28 13.00
N CYS B 231 22.37 -20.20 13.92
CA CYS B 231 21.01 -20.38 14.43
C CYS B 231 20.99 -20.81 15.87
N ASP B 232 19.94 -20.41 16.62
CA ASP B 232 19.74 -20.83 18.00
C ASP B 232 18.55 -21.81 18.11
N THR B 233 18.04 -22.25 16.93
CA THR B 233 16.90 -23.15 16.69
C THR B 233 17.12 -24.63 17.01
N ALA B 234 16.04 -25.31 17.46
CA ALA B 234 16.00 -26.73 17.76
C ALA B 234 15.46 -27.52 16.55
N VAL B 235 16.20 -28.57 16.13
CA VAL B 235 15.87 -29.40 14.96
C VAL B 235 15.28 -30.77 15.34
N GLY B 236 14.19 -31.14 14.68
CA GLY B 236 13.46 -32.38 14.89
C GLY B 236 13.82 -33.49 13.93
N THR B 237 14.11 -34.70 14.51
CA THR B 237 14.57 -35.94 13.86
C THR B 237 15.94 -35.63 13.26
N PRO B 238 16.97 -35.85 14.06
CA PRO B 238 18.32 -35.47 13.61
C PRO B 238 18.99 -36.43 12.62
N ASP B 239 18.29 -37.48 12.16
CA ASP B 239 18.84 -38.50 11.27
C ASP B 239 19.67 -37.91 10.15
N TYR B 240 19.10 -36.99 9.42
CA TYR B 240 19.87 -36.43 8.32
C TYR B 240 20.77 -35.23 8.66
N ILE B 241 20.63 -34.67 9.86
CA ILE B 241 21.37 -33.49 10.29
C ILE B 241 22.85 -33.81 10.70
N SER B 242 23.78 -32.90 10.21
CA SER B 242 25.25 -32.81 10.38
C SER B 242 25.71 -32.43 11.81
N PRO B 243 26.91 -32.90 12.29
CA PRO B 243 27.33 -32.59 13.66
C PRO B 243 27.36 -31.13 13.97
N GLU B 244 27.63 -30.22 12.96
CA GLU B 244 27.66 -28.74 13.11
C GLU B 244 26.31 -28.15 13.41
N VAL B 245 25.29 -28.48 12.59
CA VAL B 245 23.95 -27.97 12.80
C VAL B 245 23.40 -28.42 14.19
N LEU B 246 23.89 -29.58 14.71
CA LEU B 246 23.50 -30.09 16.02
C LEU B 246 24.23 -29.37 17.14
N LYS B 247 25.53 -29.06 16.97
CA LYS B 247 26.34 -28.35 17.97
C LYS B 247 25.88 -26.87 18.06
N SER B 248 24.95 -26.46 17.15
CA SER B 248 24.38 -25.11 17.04
C SER B 248 23.15 -24.87 17.97
N GLN B 249 22.96 -25.72 19.01
CA GLN B 249 21.85 -25.60 19.97
C GLN B 249 21.99 -24.38 20.90
N GLY B 250 21.62 -23.21 20.36
CA GLY B 250 21.67 -21.94 21.07
C GLY B 250 22.46 -20.85 20.36
N GLY B 251 22.83 -21.10 19.10
CA GLY B 251 23.64 -20.18 18.30
C GLY B 251 25.10 -20.29 18.70
N ASP B 252 25.48 -21.51 19.20
CA ASP B 252 26.83 -21.86 19.67
C ASP B 252 27.81 -22.07 18.49
N GLY B 253 27.69 -21.20 17.48
CA GLY B 253 28.53 -21.20 16.29
C GLY B 253 27.86 -20.96 14.96
N TYR B 254 28.71 -21.03 13.92
CA TYR B 254 28.43 -20.89 12.50
C TYR B 254 28.80 -22.20 11.77
N TYR B 255 28.27 -22.35 10.54
CA TYR B 255 28.49 -23.45 9.62
C TYR B 255 28.16 -22.98 8.19
N GLY B 256 28.86 -23.55 7.22
CA GLY B 256 28.69 -23.25 5.82
C GLY B 256 27.85 -24.28 5.08
N ARG B 257 27.98 -24.30 3.74
CA ARG B 257 27.23 -25.20 2.87
C ARG B 257 27.70 -26.66 2.96
N GLU B 258 28.75 -26.96 3.72
CA GLU B 258 29.21 -28.34 3.89
C GLU B 258 28.19 -29.19 4.72
N CYS B 259 27.27 -28.52 5.44
CA CYS B 259 26.24 -29.18 6.25
C CYS B 259 25.22 -29.91 5.38
N ASP B 260 25.09 -29.45 4.13
CA ASP B 260 24.20 -30.08 3.17
C ASP B 260 24.88 -31.30 2.58
N TRP B 261 26.23 -31.30 2.53
CA TRP B 261 26.97 -32.43 2.00
C TRP B 261 26.94 -33.61 2.98
N TRP B 262 26.90 -33.32 4.29
CA TRP B 262 26.79 -34.40 5.28
C TRP B 262 25.51 -35.22 4.97
N SER B 263 24.35 -34.54 4.86
CA SER B 263 23.04 -35.14 4.59
C SER B 263 23.06 -36.02 3.33
N VAL B 264 23.83 -35.62 2.26
CA VAL B 264 23.97 -36.41 1.02
C VAL B 264 24.59 -37.80 1.30
N GLY B 265 25.59 -37.84 2.18
CA GLY B 265 26.22 -39.07 2.64
C GLY B 265 25.17 -39.93 3.33
N VAL B 266 24.36 -39.30 4.21
CA VAL B 266 23.27 -40.01 4.91
C VAL B 266 22.25 -40.57 3.90
N PHE B 267 21.95 -39.81 2.83
CA PHE B 267 21.03 -40.25 1.78
C PHE B 267 21.62 -41.42 0.97
N LEU B 268 22.94 -41.38 0.65
CA LEU B 268 23.65 -42.44 -0.11
C LEU B 268 23.72 -43.71 0.71
N TYR B 269 24.11 -43.58 2.02
CA TYR B 269 24.19 -44.69 2.96
C TYR B 269 22.82 -45.40 3.03
N GLU B 270 21.73 -44.63 3.18
CA GLU B 270 20.38 -45.18 3.29
C GLU B 270 19.94 -45.96 2.07
N MET B 271 20.19 -45.42 0.86
CA MET B 271 19.76 -46.11 -0.37
C MET B 271 20.50 -47.44 -0.56
N LEU B 272 21.80 -47.52 -0.18
CA LEU B 272 22.57 -48.74 -0.39
C LEU B 272 22.52 -49.72 0.78
N VAL B 273 22.58 -49.22 2.02
CA VAL B 273 22.53 -50.07 3.21
C VAL B 273 21.08 -50.44 3.62
N GLY B 274 20.13 -49.55 3.36
CA GLY B 274 18.74 -49.83 3.69
C GLY B 274 18.25 -49.14 4.94
N ASP B 275 19.19 -48.66 5.80
CA ASP B 275 18.88 -47.92 7.05
C ASP B 275 19.74 -46.70 7.10
N THR B 276 19.37 -45.74 7.99
CA THR B 276 20.13 -44.49 8.22
C THR B 276 21.36 -44.84 9.06
N PRO B 277 22.53 -44.26 8.79
CA PRO B 277 23.74 -44.72 9.49
C PRO B 277 23.77 -44.46 11.00
N PHE B 278 23.03 -43.43 11.46
CA PHE B 278 23.02 -43.08 12.90
C PHE B 278 21.64 -43.32 13.57
N TYR B 279 20.91 -44.33 13.07
CA TYR B 279 19.61 -44.60 13.62
C TYR B 279 19.67 -45.21 15.00
N ALA B 280 18.76 -44.75 15.86
CA ALA B 280 18.52 -45.21 17.22
C ALA B 280 17.04 -44.98 17.53
N ASP B 281 16.46 -45.82 18.40
CA ASP B 281 15.06 -45.74 18.80
C ASP B 281 14.62 -44.33 19.22
N SER B 282 15.20 -43.82 20.33
CA SER B 282 14.96 -42.47 20.85
C SER B 282 15.61 -41.41 19.94
N LEU B 283 15.19 -40.13 20.03
CA LEU B 283 15.80 -39.06 19.22
C LEU B 283 17.18 -38.76 19.78
N VAL B 284 17.29 -38.72 21.15
CA VAL B 284 18.54 -38.49 21.88
C VAL B 284 19.59 -39.53 21.52
N GLY B 285 19.16 -40.74 21.19
CA GLY B 285 20.03 -41.82 20.76
C GLY B 285 20.62 -41.55 19.41
N THR B 286 19.82 -41.01 18.49
CA THR B 286 20.28 -40.64 17.14
C THR B 286 21.33 -39.55 17.27
N TYR B 287 21.07 -38.49 18.11
CA TYR B 287 21.99 -37.38 18.33
C TYR B 287 23.37 -37.87 18.78
N SER B 288 23.43 -38.72 19.83
CA SER B 288 24.64 -39.29 20.38
C SER B 288 25.48 -39.98 19.32
N LYS B 289 24.85 -40.78 18.44
CA LYS B 289 25.53 -41.48 17.35
C LYS B 289 26.03 -40.54 16.28
N ILE B 290 25.31 -39.42 15.98
CA ILE B 290 25.79 -38.44 14.99
C ILE B 290 27.08 -37.80 15.52
N MET B 291 27.09 -37.33 16.79
CA MET B 291 28.24 -36.72 17.43
C MET B 291 29.44 -37.63 17.42
N ASN B 292 29.21 -38.94 17.65
CA ASN B 292 30.23 -39.99 17.67
C ASN B 292 30.29 -40.74 16.32
N HIS B 293 30.15 -40.01 15.18
CA HIS B 293 30.20 -40.60 13.83
C HIS B 293 31.49 -41.36 13.58
N LYS B 294 32.63 -40.90 14.16
CA LYS B 294 33.95 -41.52 14.01
C LYS B 294 33.91 -43.02 14.31
N ASN B 295 33.21 -43.42 15.39
CA ASN B 295 33.07 -44.81 15.83
C ASN B 295 31.72 -45.44 15.53
N SER B 296 30.66 -44.64 15.43
CA SER B 296 29.33 -45.19 15.21
C SER B 296 29.04 -45.62 13.74
N LEU B 297 29.66 -44.91 12.75
CA LEU B 297 29.46 -45.24 11.33
C LEU B 297 30.18 -46.56 11.03
N THR B 298 29.39 -47.60 10.72
CA THR B 298 29.89 -48.91 10.35
C THR B 298 29.06 -49.38 9.15
N PHE B 299 29.60 -50.30 8.36
CA PHE B 299 28.89 -50.86 7.22
C PHE B 299 28.60 -52.33 7.49
N PRO B 300 27.62 -53.00 6.83
CA PRO B 300 27.43 -54.43 7.05
C PRO B 300 28.51 -55.30 6.39
N ASP B 301 28.44 -56.62 6.52
CA ASP B 301 29.42 -57.50 5.91
C ASP B 301 29.16 -57.77 4.41
N ASP B 302 27.88 -57.98 3.97
CA ASP B 302 27.47 -58.16 2.56
C ASP B 302 27.99 -56.96 1.78
N ASN B 303 29.18 -57.13 1.14
CA ASN B 303 29.89 -56.11 0.34
C ASN B 303 29.17 -55.82 -1.02
N ASP B 304 27.84 -55.59 -0.94
CA ASP B 304 26.94 -55.25 -2.03
C ASP B 304 27.05 -53.74 -2.24
N ILE B 305 28.03 -53.16 -1.52
CA ILE B 305 28.45 -51.76 -1.53
C ILE B 305 29.88 -51.78 -2.09
N SER B 306 30.14 -50.98 -3.13
CA SER B 306 31.45 -50.89 -3.76
C SER B 306 32.46 -50.22 -2.88
N LYS B 307 33.72 -50.24 -3.31
CA LYS B 307 34.84 -49.57 -2.66
C LYS B 307 34.59 -48.07 -2.74
N GLU B 308 34.25 -47.55 -3.93
CA GLU B 308 34.01 -46.12 -4.17
C GLU B 308 32.72 -45.57 -3.55
N ALA B 309 31.68 -46.40 -3.37
CA ALA B 309 30.45 -45.94 -2.71
C ALA B 309 30.77 -45.75 -1.22
N LYS B 310 31.40 -46.79 -0.59
CA LYS B 310 31.86 -46.76 0.80
C LYS B 310 32.76 -45.56 1.00
N ASN B 311 33.60 -45.20 0.03
CA ASN B 311 34.50 -44.06 0.17
C ASN B 311 33.78 -42.72 0.14
N LEU B 312 32.81 -42.52 -0.79
CA LEU B 312 32.03 -41.26 -0.92
C LEU B 312 31.26 -40.98 0.36
N ILE B 313 30.62 -42.02 0.93
CA ILE B 313 29.85 -41.98 2.17
C ILE B 313 30.77 -41.51 3.29
N CYS B 314 31.97 -42.08 3.38
CA CYS B 314 32.89 -41.73 4.45
C CYS B 314 33.55 -40.39 4.25
N ALA B 315 33.62 -39.93 2.98
CA ALA B 315 34.16 -38.63 2.57
C ALA B 315 33.16 -37.52 2.89
N PHE B 316 31.88 -37.90 3.03
CA PHE B 316 30.77 -37.01 3.35
C PHE B 316 30.42 -37.09 4.84
N LEU B 317 30.61 -38.27 5.47
CA LEU B 317 30.29 -38.52 6.87
C LEU B 317 31.52 -38.32 7.79
N THR B 318 32.21 -37.18 7.60
CA THR B 318 33.39 -36.74 8.34
C THR B 318 33.20 -35.31 8.89
N ASP B 319 34.07 -34.88 9.83
CA ASP B 319 34.02 -33.53 10.42
C ASP B 319 34.23 -32.51 9.33
N ARG B 320 33.45 -31.41 9.36
CA ARG B 320 33.43 -30.33 8.35
C ARG B 320 34.78 -29.96 7.73
N GLU B 321 35.84 -29.90 8.57
CA GLU B 321 37.23 -29.54 8.25
C GLU B 321 37.87 -30.37 7.13
N VAL B 322 37.42 -31.63 6.95
CA VAL B 322 37.92 -32.53 5.90
C VAL B 322 36.76 -33.21 5.14
N ARG B 323 35.62 -32.51 5.07
CA ARG B 323 34.45 -33.04 4.39
C ARG B 323 34.54 -32.75 2.91
N LEU B 324 34.26 -33.76 2.07
CA LEU B 324 34.28 -33.60 0.62
C LEU B 324 33.23 -32.54 0.24
N GLY B 325 33.70 -31.48 -0.41
CA GLY B 325 32.86 -30.36 -0.79
C GLY B 325 33.19 -29.09 -0.05
N ARG B 326 34.24 -29.13 0.79
CA ARG B 326 34.73 -27.98 1.54
C ARG B 326 35.44 -27.01 0.55
N ASN B 327 35.95 -27.56 -0.57
CA ASN B 327 36.62 -26.84 -1.67
C ASN B 327 35.72 -26.80 -2.95
N GLY B 328 34.39 -26.78 -2.77
CA GLY B 328 33.41 -26.68 -3.85
C GLY B 328 32.89 -27.98 -4.42
N VAL B 329 31.83 -27.87 -5.26
CA VAL B 329 31.16 -29.01 -5.94
C VAL B 329 32.07 -29.84 -6.82
N GLU B 330 32.96 -29.18 -7.60
CA GLU B 330 33.78 -29.91 -8.54
C GLU B 330 34.59 -31.05 -7.91
N GLU B 331 34.98 -30.95 -6.62
CA GLU B 331 35.70 -32.07 -5.99
C GLU B 331 34.76 -33.28 -5.70
N ILE B 332 33.42 -33.04 -5.52
CA ILE B 332 32.39 -34.09 -5.35
C ILE B 332 32.19 -34.75 -6.75
N LYS B 333 31.96 -33.91 -7.78
CA LYS B 333 31.70 -34.34 -9.14
C LYS B 333 32.84 -35.23 -9.67
N ARG B 334 34.09 -34.85 -9.36
CA ARG B 334 35.28 -35.61 -9.77
C ARG B 334 35.44 -36.97 -9.06
N HIS B 335 34.61 -37.28 -8.02
CA HIS B 335 34.70 -38.54 -7.26
C HIS B 335 34.49 -39.75 -8.14
N LEU B 336 35.24 -40.82 -7.87
CA LEU B 336 35.20 -42.06 -8.66
C LEU B 336 33.86 -42.76 -8.60
N PHE B 337 33.10 -42.58 -7.49
CA PHE B 337 31.78 -43.19 -7.37
C PHE B 337 30.87 -42.73 -8.53
N PHE B 338 31.01 -41.46 -8.95
CA PHE B 338 30.21 -40.94 -10.05
C PHE B 338 30.69 -41.42 -11.41
N LYS B 339 31.93 -42.01 -11.51
CA LYS B 339 32.49 -42.48 -12.80
C LYS B 339 31.54 -43.49 -13.42
N ASN B 340 30.95 -43.11 -14.55
CA ASN B 340 29.98 -43.91 -15.25
C ASN B 340 30.09 -43.73 -16.78
N ASP B 341 29.20 -44.44 -17.51
CA ASP B 341 29.09 -44.43 -18.96
C ASP B 341 27.77 -43.79 -19.43
N GLN B 342 26.67 -44.10 -18.74
CA GLN B 342 25.31 -43.68 -19.07
C GLN B 342 25.06 -42.16 -19.14
N TRP B 343 25.73 -41.31 -18.33
CA TRP B 343 25.47 -39.85 -18.30
C TRP B 343 26.68 -38.94 -18.07
N ALA B 344 26.49 -37.66 -18.41
CA ALA B 344 27.49 -36.61 -18.20
C ALA B 344 26.82 -35.56 -17.35
N TRP B 345 27.49 -35.09 -16.28
CA TRP B 345 26.93 -34.09 -15.35
C TRP B 345 26.08 -32.98 -16.01
N GLU B 346 26.67 -32.36 -17.04
CA GLU B 346 26.10 -31.23 -17.78
C GLU B 346 24.87 -31.60 -18.64
N THR B 347 24.50 -32.88 -18.73
CA THR B 347 23.35 -33.30 -19.52
C THR B 347 22.50 -34.38 -18.78
N LEU B 348 22.75 -34.58 -17.47
CA LEU B 348 22.08 -35.58 -16.62
C LEU B 348 20.57 -35.44 -16.58
N ARG B 349 20.01 -34.20 -16.57
CA ARG B 349 18.55 -34.03 -16.51
C ARG B 349 17.88 -34.31 -17.85
N ASP B 350 18.69 -34.45 -18.91
CA ASP B 350 18.21 -34.79 -20.24
C ASP B 350 18.35 -36.28 -20.49
N THR B 351 18.96 -37.02 -19.54
CA THR B 351 19.09 -38.47 -19.68
C THR B 351 17.78 -39.17 -19.24
N VAL B 352 17.64 -40.46 -19.58
CA VAL B 352 16.43 -41.23 -19.25
C VAL B 352 16.53 -41.78 -17.82
N ALA B 353 15.61 -41.33 -16.94
CA ALA B 353 15.56 -41.66 -15.50
C ALA B 353 15.57 -43.17 -15.22
N PRO B 354 16.02 -43.64 -14.00
CA PRO B 354 16.02 -45.08 -13.74
C PRO B 354 14.59 -45.60 -13.60
N VAL B 355 13.74 -44.84 -12.86
CA VAL B 355 12.31 -45.16 -12.67
C VAL B 355 11.47 -44.06 -13.35
N VAL B 356 10.75 -44.42 -14.42
CA VAL B 356 9.91 -43.47 -15.13
C VAL B 356 8.47 -43.67 -14.68
N PRO B 357 7.84 -42.66 -14.05
CA PRO B 357 6.42 -42.84 -13.64
C PRO B 357 5.46 -43.11 -14.79
N ASP B 358 4.71 -44.23 -14.71
CA ASP B 358 3.66 -44.57 -15.71
C ASP B 358 2.38 -44.08 -15.03
N LEU B 359 1.79 -42.98 -15.57
CA LEU B 359 0.64 -42.36 -14.91
C LEU B 359 -0.65 -42.42 -15.71
N SER B 360 -1.76 -42.69 -14.99
CA SER B 360 -3.12 -42.84 -15.50
C SER B 360 -3.77 -41.57 -16.06
N SER B 361 -3.52 -40.43 -15.42
CA SER B 361 -4.12 -39.15 -15.78
C SER B 361 -3.36 -37.98 -15.17
N ASP B 362 -3.88 -36.75 -15.41
CA ASP B 362 -3.35 -35.48 -14.90
C ASP B 362 -3.42 -35.42 -13.38
N ILE B 363 -4.41 -36.14 -12.78
CA ILE B 363 -4.61 -36.20 -11.33
C ILE B 363 -4.22 -37.56 -10.70
N ASP B 364 -3.44 -38.40 -11.42
CA ASP B 364 -2.96 -39.68 -10.88
C ASP B 364 -2.18 -39.40 -9.58
N THR B 365 -2.70 -39.94 -8.46
CA THR B 365 -2.12 -39.81 -7.10
C THR B 365 -1.68 -41.16 -6.54
N SER B 366 -1.31 -42.11 -7.44
CA SER B 366 -0.91 -43.46 -7.07
C SER B 366 0.33 -43.51 -6.19
N ASN B 367 1.28 -42.59 -6.41
CA ASN B 367 2.53 -42.55 -5.65
C ASN B 367 2.40 -41.92 -4.26
N PHE B 368 1.23 -41.35 -3.97
CA PHE B 368 0.98 -40.68 -2.70
C PHE B 368 -0.04 -41.45 -1.88
N ASP B 369 0.35 -41.83 -0.64
CA ASP B 369 -0.56 -42.53 0.27
C ASP B 369 -1.62 -41.52 0.74
N ASP B 370 -2.92 -41.94 0.75
CA ASP B 370 -4.09 -41.12 1.10
C ASP B 370 -4.02 -40.65 2.56
N LEU B 371 -4.73 -39.55 2.89
CA LEU B 371 -4.70 -39.06 4.28
C LEU B 371 -6.10 -38.83 4.92
N GLU B 372 -6.15 -39.10 6.25
CA GLU B 372 -7.31 -38.96 7.13
C GLU B 372 -7.23 -37.66 7.90
N GLY B 376 -8.40 -33.46 14.83
CA GLY B 376 -8.36 -32.26 15.65
C GLY B 376 -9.04 -31.08 14.99
N GLU B 377 -9.91 -30.39 15.75
CA GLU B 377 -10.65 -29.23 15.23
C GLU B 377 -9.81 -27.96 15.23
N GLU B 378 -10.09 -27.08 14.23
CA GLU B 378 -9.47 -25.78 13.99
C GLU B 378 -9.45 -24.87 15.23
N GLU B 379 -8.24 -24.46 15.69
CA GLU B 379 -8.09 -23.54 16.82
C GLU B 379 -7.86 -22.11 16.29
N THR B 380 -8.71 -21.15 16.71
CA THR B 380 -8.61 -19.78 16.21
C THR B 380 -8.09 -18.75 17.23
N PHE B 381 -7.54 -17.62 16.71
CA PHE B 381 -7.06 -16.49 17.50
C PHE B 381 -8.20 -15.95 18.34
N PRO B 382 -7.94 -15.60 19.62
CA PRO B 382 -9.03 -15.04 20.44
C PRO B 382 -9.32 -13.60 20.07
N ILE B 383 -10.52 -13.10 20.43
CA ILE B 383 -10.91 -11.70 20.18
C ILE B 383 -10.05 -10.77 21.06
N PRO B 384 -9.24 -9.89 20.46
CA PRO B 384 -8.37 -9.04 21.29
C PRO B 384 -9.07 -7.83 21.89
N LYS B 385 -8.72 -7.53 23.15
CA LYS B 385 -9.23 -6.37 23.87
C LYS B 385 -8.51 -5.11 23.36
N ALA B 386 -7.24 -5.27 22.93
CA ALA B 386 -6.39 -4.20 22.40
C ALA B 386 -5.80 -4.60 21.06
N PHE B 387 -5.06 -3.68 20.41
CA PHE B 387 -4.44 -4.01 19.12
C PHE B 387 -3.26 -4.94 19.37
N VAL B 388 -3.34 -6.14 18.80
CA VAL B 388 -2.32 -7.19 18.95
C VAL B 388 -1.56 -7.43 17.64
N GLY B 389 -2.17 -7.01 16.53
CA GLY B 389 -1.64 -7.09 15.18
C GLY B 389 -1.16 -8.45 14.74
N ASN B 390 -2.00 -9.47 14.94
CA ASN B 390 -1.66 -10.85 14.58
C ASN B 390 -1.36 -11.07 13.10
N GLN B 391 -1.85 -10.20 12.25
CA GLN B 391 -1.62 -10.37 10.82
C GLN B 391 -0.32 -9.80 10.30
N LEU B 392 0.28 -8.81 10.99
CA LEU B 392 1.50 -8.11 10.55
C LEU B 392 2.69 -9.04 10.13
N PRO B 393 3.03 -10.15 10.86
CA PRO B 393 4.16 -11.00 10.41
C PRO B 393 4.05 -11.64 9.01
N PHE B 394 2.86 -11.55 8.37
CA PHE B 394 2.58 -12.13 7.08
C PHE B 394 2.24 -11.10 5.98
N VAL B 395 2.37 -9.79 6.27
CA VAL B 395 2.15 -8.76 5.26
C VAL B 395 3.23 -8.85 4.19
N GLY B 396 2.83 -9.12 2.94
CA GLY B 396 3.77 -9.22 1.83
C GLY B 396 4.03 -10.63 1.36
N PHE B 397 3.29 -11.61 1.92
CA PHE B 397 3.46 -13.00 1.53
C PHE B 397 2.86 -13.25 0.15
N THR B 398 1.75 -12.57 -0.19
CA THR B 398 1.07 -12.72 -1.48
C THR B 398 2.00 -12.52 -2.72
N TYR B 399 2.02 -13.55 -3.60
CA TYR B 399 2.78 -13.60 -4.86
C TYR B 399 1.90 -14.07 -6.01
N TYR B 400 2.04 -13.45 -7.17
CA TYR B 400 1.32 -13.84 -8.38
C TYR B 400 2.27 -13.92 -9.56
N SER B 401 2.12 -14.95 -10.36
CA SER B 401 2.90 -15.09 -11.57
C SER B 401 2.05 -14.58 -12.77
N ASN B 402 2.71 -13.97 -13.78
CA ASN B 402 2.04 -13.43 -14.98
C ASN B 402 2.07 -14.42 -16.14
C1 6U1 C . -8.97 28.52 8.25
C6 6U1 C . -6.75 27.66 5.91
C8 6U1 C . -4.51 28.57 5.73
C9 6U1 C . -4.92 29.48 4.77
C11 6U1 C . -7.16 28.59 4.95
C12 6U1 C . -6.75 30.40 3.30
C18 6U1 C . -5.02 29.05 -2.24
C21 6U1 C . -4.15 29.42 -3.37
C25 6U1 C . -2.70 30.58 -4.70
C26 6U1 C . -3.28 30.60 -3.42
C28 6U1 C . -2.11 32.61 -2.95
S2 6U1 C . -8.23 26.88 7.99
O3 6U1 C . -7.03 26.82 8.75
O4 6U1 C . -9.24 25.87 8.10
N5 6U1 C . -7.71 26.78 6.42
C7 6U1 C . -5.41 27.68 6.30
C10 6U1 C . -6.25 29.48 4.39
C13 6U1 C . -6.83 29.61 2.02
O14 6U1 C . -7.59 28.68 1.89
N15 6U1 C . -5.98 29.96 1.03
C16 6U1 C . -5.90 29.35 -0.22
N17 6U1 C . -5.02 29.70 -1.10
C19 6U1 C . -6.00 28.14 -2.35
S20 6U1 C . -6.90 28.12 -0.85
C22 6U1 C . -4.06 28.81 -4.56
N23 6U1 C . -3.18 29.48 -5.36
C27 6U1 C . -2.98 31.62 -2.54
C29 6U1 C . -1.58 32.52 -4.23
N30 6U1 C . -1.85 31.53 -5.05
H24 6U1 C . -2.94 29.24 -6.27
C1 6U1 D . 6.91 -28.89 8.83
C6 6U1 D . 4.67 -28.43 6.57
C8 6U1 D . 2.81 -29.83 5.99
C9 6U1 D . 3.61 -30.50 5.08
C11 6U1 D . 5.48 -29.11 5.66
C12 6U1 D . 5.81 -30.88 3.93
C18 6U1 D . 5.76 -29.75 -1.90
C21 6U1 D . 5.28 -30.17 -3.26
C25 6U1 D . 4.40 -31.40 -5.02
C26 6U1 D . 4.61 -31.43 -3.62
C28 6U1 D . 3.60 -33.61 -3.57
S2 6U1 D . 5.69 -27.55 8.85
O3 6U1 D . 4.46 -27.90 9.49
O4 6U1 D . 6.41 -26.36 9.13
N5 6U1 D . 5.22 -27.37 7.28
C7 6U1 D . 3.34 -28.80 6.75
C10 6U1 D . 4.94 -30.12 4.90
C13 6U1 D . 6.16 -30.08 2.71
O14 6U1 D . 6.88 -29.11 2.79
N15 6U1 D . 5.62 -30.47 1.55
C16 6U1 D . 5.89 -29.88 0.32
N17 6U1 D . 5.39 -30.35 -0.77
C19 6U1 D . 6.68 -28.77 -1.69
S20 6U1 D . 7.00 -28.60 0.03
C22 6U1 D . 5.43 -29.49 -4.44
N23 6U1 D . 4.89 -30.20 -5.49
C27 6U1 D . 4.19 -32.56 -2.88
C29 6U1 D . 3.44 -33.52 -4.95
N30 6U1 D . 3.81 -32.44 -5.63
H24 6U1 D . 4.89 -29.90 -6.41
#